data_1OD0
#
_entry.id   1OD0
#
_cell.length_a   94.313
_cell.length_b   94.547
_cell.length_c   113.064
_cell.angle_alpha   90.00
_cell.angle_beta   90.00
_cell.angle_gamma   90.00
#
_symmetry.space_group_name_H-M   'P 21 21 21'
#
loop_
_entity.id
_entity.type
_entity.pdbx_description
1 polymer 'BETA-GLUCOSIDASE A'
2 water water
#
_entity_poly.entity_id   1
_entity_poly.type   'polypeptide(L)'
_entity_poly.pdbx_seq_one_letter_code
;MGSSHHHHHHSSGLVPRGSHMASNVKKFPEGFLWGVATASYQIEGSPLADGAGMSIWHTFSHTPGNVKNGDTGDVACDHY
NRWKEDIEIIEKLGVKAYRFSISWPRILPEGTGRVNQKGLDFYNRIIDTLLEKGITPFVTIYHWDLPFALQLKGGWANRE
IADWFAEYSRVLFENFGDRVKNWITLNEPWVVAIVGHLYGVHAPGMRDIYVAFRAVHNLLRAHARAVKVFRETVKDGKIG
IVFNNGYFEPASEKEEDIRAVRFMHQFNNYPLFLNPIYRGDYPELVLEFAREYLPENYKDDMSEIQEKIDFVGLNYYSGH
LVKFDPDAPAKVSFVERDLPKTAMGWEIVPEGIYWILKKVKEEYNPPEVYITENGAAFDDVVSEDGRVHDQNRIDYLKAH
IGQAWKAIQEGVPLKGYFVWSLLDNFEWAEGYSKRFGIVYVDYSTQKRIVKDSGYWYSNVVKNNGLED
;
_entity_poly.pdbx_strand_id   A,B
#
# COMPACT_ATOMS: atom_id res chain seq x y z
N VAL A 25 14.29 31.77 21.89
CA VAL A 25 15.11 30.62 22.37
C VAL A 25 14.36 29.79 23.41
N LYS A 26 14.69 28.51 23.47
CA LYS A 26 14.13 27.64 24.48
C LYS A 26 15.23 26.81 25.10
N LYS A 27 15.76 27.30 26.22
CA LYS A 27 16.82 26.61 26.92
C LYS A 27 16.21 25.65 27.93
N PHE A 28 16.79 24.47 28.01
CA PHE A 28 16.31 23.46 28.94
C PHE A 28 17.03 23.59 30.29
N PRO A 29 16.56 22.90 31.32
CA PRO A 29 17.18 22.95 32.65
C PRO A 29 18.63 22.49 32.62
N GLU A 30 19.42 22.98 33.56
CA GLU A 30 20.81 22.54 33.68
C GLU A 30 20.86 21.04 33.95
N GLY A 31 21.77 20.35 33.29
CA GLY A 31 21.86 18.91 33.40
C GLY A 31 20.81 18.07 32.67
N PHE A 32 19.87 18.70 31.97
CA PHE A 32 18.93 17.98 31.13
C PHE A 32 19.66 16.95 30.27
N LEU A 33 19.16 15.70 30.26
CA LEU A 33 19.81 14.62 29.51
C LEU A 33 19.35 14.56 28.06
N TRP A 34 20.22 14.95 27.12
CA TRP A 34 19.92 14.73 25.69
C TRP A 34 20.50 13.39 25.25
N GLY A 35 19.64 12.52 24.74
CA GLY A 35 20.04 11.18 24.35
C GLY A 35 19.66 10.72 22.96
N VAL A 36 20.23 9.60 22.57
CA VAL A 36 19.70 8.81 21.47
C VAL A 36 19.41 7.38 21.97
N ALA A 37 18.57 6.65 21.24
CA ALA A 37 18.09 5.33 21.66
C ALA A 37 18.17 4.28 20.55
N THR A 38 18.51 3.05 20.94
CA THR A 38 18.43 1.88 20.06
C THR A 38 17.86 0.71 20.83
N ALA A 39 17.79 -0.44 20.16
CA ALA A 39 17.41 -1.70 20.79
C ALA A 39 18.26 -2.81 20.17
N SER A 40 18.60 -3.80 20.99
CA SER A 40 19.55 -4.86 20.64
C SER A 40 19.25 -5.55 19.31
N TYR A 41 18.04 -6.08 19.16
CA TYR A 41 17.71 -6.87 17.97
C TYR A 41 17.66 -5.98 16.72
N GLN A 42 17.28 -4.72 16.92
CA GLN A 42 17.17 -3.82 15.78
C GLN A 42 18.51 -3.38 15.14
N ILE A 43 19.61 -3.42 15.90
CA ILE A 43 20.88 -2.90 15.37
C ILE A 43 22.04 -3.87 15.35
N GLU A 44 22.04 -4.84 16.25
CA GLU A 44 23.21 -5.67 16.51
C GLU A 44 23.65 -6.62 15.38
N GLY A 45 22.69 -7.36 14.81
CA GLY A 45 22.99 -8.54 14.01
C GLY A 45 23.74 -9.58 14.82
N SER A 46 24.23 -10.62 14.16
CA SER A 46 24.95 -11.69 14.84
C SER A 46 24.15 -12.28 16.02
N PRO A 47 22.88 -12.61 15.81
CA PRO A 47 22.01 -13.03 16.93
C PRO A 47 22.47 -14.32 17.57
N LEU A 48 23.21 -15.17 16.85
CA LEU A 48 23.69 -16.43 17.43
C LEU A 48 25.21 -16.46 17.68
N ALA A 49 25.86 -15.31 17.61
CA ALA A 49 27.31 -15.26 17.85
C ALA A 49 27.67 -15.56 19.29
N ASP A 50 28.85 -16.15 19.48
CA ASP A 50 29.44 -16.30 20.80
C ASP A 50 28.52 -16.96 21.83
N GLY A 51 27.81 -18.00 21.42
CA GLY A 51 27.03 -18.80 22.34
C GLY A 51 25.69 -18.20 22.74
N ALA A 52 25.24 -17.15 22.05
CA ALA A 52 23.90 -16.60 22.31
C ALA A 52 22.80 -17.62 21.99
N GLY A 53 21.73 -17.64 22.81
CA GLY A 53 20.56 -18.45 22.47
C GLY A 53 19.74 -17.73 21.41
N MET A 54 18.86 -18.45 20.71
CA MET A 54 17.89 -17.80 19.82
C MET A 54 16.88 -16.96 20.65
N SER A 55 16.43 -15.86 20.08
CA SER A 55 15.33 -15.09 20.65
C SER A 55 14.06 -15.35 19.83
N ILE A 56 12.91 -14.94 20.36
CA ILE A 56 11.64 -15.08 19.63
C ILE A 56 11.61 -14.22 18.37
N TRP A 57 12.43 -13.17 18.30
CA TRP A 57 12.47 -12.34 17.09
C TRP A 57 13.29 -12.97 15.97
N HIS A 58 14.32 -13.70 16.35
CA HIS A 58 15.03 -14.57 15.40
C HIS A 58 14.06 -15.58 14.76
N THR A 59 13.35 -16.34 15.58
CA THR A 59 12.47 -17.37 15.01
C THR A 59 11.26 -16.78 14.29
N PHE A 60 10.74 -15.67 14.81
CA PHE A 60 9.61 -14.97 14.18
C PHE A 60 10.00 -14.43 12.80
N SER A 61 11.11 -13.71 12.73
CA SER A 61 11.52 -13.12 11.46
C SER A 61 12.01 -14.17 10.47
N HIS A 62 12.44 -15.32 10.96
CA HIS A 62 12.83 -16.41 10.07
C HIS A 62 11.64 -17.25 9.62
N THR A 63 10.45 -16.83 10.03
CA THR A 63 9.23 -17.49 9.60
C THR A 63 8.66 -16.69 8.45
N PRO A 64 8.54 -17.34 7.29
CA PRO A 64 8.02 -16.69 6.06
C PRO A 64 6.70 -15.99 6.28
N GLY A 65 6.57 -14.77 5.80
CA GLY A 65 5.32 -14.05 5.89
C GLY A 65 5.16 -13.13 7.08
N ASN A 66 6.08 -13.19 8.05
CA ASN A 66 5.92 -12.40 9.27
C ASN A 66 6.48 -10.97 9.15
N VAL A 67 7.55 -10.82 8.38
CA VAL A 67 8.25 -9.53 8.25
C VAL A 67 8.37 -9.10 6.79
N LYS A 68 8.16 -7.81 6.53
CA LYS A 68 8.23 -7.27 5.18
C LYS A 68 9.53 -7.68 4.46
N ASN A 69 9.37 -8.15 3.23
CA ASN A 69 10.48 -8.54 2.36
C ASN A 69 11.33 -9.68 2.92
N GLY A 70 10.80 -10.40 3.90
CA GLY A 70 11.56 -11.44 4.55
C GLY A 70 12.78 -10.94 5.32
N ASP A 71 12.78 -9.67 5.71
CA ASP A 71 13.93 -9.14 6.44
C ASP A 71 14.08 -9.82 7.82
N THR A 72 15.32 -9.97 8.29
CA THR A 72 15.56 -10.42 9.65
C THR A 72 16.61 -9.54 10.33
N GLY A 73 16.86 -9.80 11.61
CA GLY A 73 17.96 -9.18 12.31
C GLY A 73 19.28 -9.92 12.23
N ASP A 74 19.45 -10.78 11.22
CA ASP A 74 20.72 -11.52 11.10
C ASP A 74 21.93 -10.58 11.04
N VAL A 75 21.79 -9.50 10.27
CA VAL A 75 22.90 -8.56 10.10
C VAL A 75 22.58 -7.19 10.67
N ALA A 76 21.42 -6.66 10.31
CA ALA A 76 20.94 -5.38 10.84
C ALA A 76 22.01 -4.30 10.54
N CYS A 77 22.45 -3.56 11.57
CA CYS A 77 23.49 -2.53 11.41
C CYS A 77 24.89 -3.07 11.74
N ASP A 78 24.97 -4.37 12.00
CA ASP A 78 26.22 -5.00 12.40
C ASP A 78 26.92 -4.30 13.58
N HIS A 79 26.09 -3.82 14.51
CA HIS A 79 26.56 -3.09 15.68
C HIS A 79 27.33 -4.01 16.61
N TYR A 80 27.06 -5.31 16.49
CA TYR A 80 27.76 -6.31 17.27
C TYR A 80 29.25 -6.23 16.99
N ASN A 81 29.60 -5.86 15.75
CA ASN A 81 31.00 -5.61 15.37
C ASN A 81 31.43 -4.14 15.33
N ARG A 82 30.50 -3.25 15.01
CA ARG A 82 30.83 -1.84 14.76
C ARG A 82 30.46 -0.91 15.93
N TRP A 83 30.22 -1.51 17.10
CA TRP A 83 29.79 -0.78 18.28
C TRP A 83 30.66 0.43 18.66
N LYS A 84 31.98 0.29 18.55
CA LYS A 84 32.90 1.38 18.93
C LYS A 84 32.76 2.59 18.01
N GLU A 85 32.67 2.34 16.72
CA GLU A 85 32.40 3.40 15.74
C GLU A 85 31.10 4.12 16.05
N ASP A 86 30.05 3.35 16.33
CA ASP A 86 28.74 3.94 16.63
C ASP A 86 28.78 4.83 17.88
N ILE A 87 29.48 4.36 18.89
CA ILE A 87 29.62 5.14 20.13
C ILE A 87 30.43 6.43 19.83
N GLU A 88 31.54 6.28 19.09
CA GLU A 88 32.32 7.44 18.64
C GLU A 88 31.47 8.45 17.89
N ILE A 89 30.47 7.98 17.15
CA ILE A 89 29.51 8.88 16.54
C ILE A 89 28.71 9.65 17.58
N ILE A 90 28.23 8.95 18.61
CA ILE A 90 27.52 9.58 19.72
C ILE A 90 28.43 10.63 20.38
N GLU A 91 29.68 10.26 20.64
CA GLU A 91 30.66 11.17 21.25
C GLU A 91 30.84 12.41 20.39
N LYS A 92 31.21 12.18 19.13
CA LYS A 92 31.37 13.22 18.11
C LYS A 92 30.19 14.21 18.03
N LEU A 93 28.98 13.67 18.09
CA LEU A 93 27.78 14.52 18.07
C LEU A 93 27.55 15.19 19.41
N GLY A 94 28.33 14.80 20.42
CA GLY A 94 28.22 15.37 21.76
C GLY A 94 26.97 14.98 22.54
N VAL A 95 26.29 13.93 22.08
CA VAL A 95 25.09 13.46 22.76
C VAL A 95 25.47 12.94 24.15
N LYS A 96 24.66 13.27 25.14
CA LYS A 96 25.04 13.05 26.53
C LYS A 96 24.58 11.72 27.16
N ALA A 97 23.62 11.06 26.52
CA ALA A 97 23.07 9.82 27.04
C ALA A 97 22.75 8.84 25.92
N TYR A 98 23.00 7.56 26.18
CA TYR A 98 22.72 6.52 25.20
C TYR A 98 21.80 5.51 25.85
N ARG A 99 20.60 5.42 25.30
CA ARG A 99 19.66 4.39 25.69
C ARG A 99 19.82 3.17 24.77
N PHE A 100 20.16 2.03 25.35
CA PHE A 100 20.29 0.81 24.58
C PHE A 100 19.75 -0.38 25.39
N SER A 101 19.46 -1.48 24.70
CA SER A 101 18.97 -2.66 25.40
C SER A 101 19.94 -3.82 25.38
N ILE A 102 19.72 -4.73 26.31
CA ILE A 102 20.52 -5.93 26.41
C ILE A 102 19.68 -7.11 25.92
N SER A 103 20.29 -7.95 25.09
CA SER A 103 19.64 -9.14 24.57
C SER A 103 19.69 -10.22 25.65
N TRP A 104 18.56 -10.48 26.28
CA TRP A 104 18.44 -11.56 27.28
C TRP A 104 19.13 -12.89 26.84
N PRO A 105 18.81 -13.41 25.66
CA PRO A 105 19.46 -14.64 25.16
C PRO A 105 20.99 -14.53 24.96
N ARG A 106 21.58 -13.34 24.83
CA ARG A 106 23.06 -13.24 24.85
C ARG A 106 23.65 -13.52 26.24
N ILE A 107 22.87 -13.20 27.28
CA ILE A 107 23.32 -13.28 28.66
C ILE A 107 22.94 -14.63 29.28
N LEU A 108 21.68 -15.05 29.11
CA LEU A 108 21.25 -16.40 29.48
C LEU A 108 20.66 -17.11 28.27
N PRO A 109 21.47 -17.87 27.54
CA PRO A 109 21.02 -18.52 26.31
C PRO A 109 19.74 -19.35 26.41
N GLU A 110 19.50 -20.04 27.54
CA GLU A 110 18.24 -20.75 27.78
C GLU A 110 17.27 -19.94 28.60
N GLY A 111 17.56 -18.67 28.84
CA GLY A 111 16.67 -17.81 29.60
C GLY A 111 16.90 -17.79 31.10
N THR A 112 17.06 -18.96 31.69
CA THR A 112 17.50 -19.03 33.11
C THR A 112 18.69 -19.96 33.20
N GLY A 113 19.28 -20.05 34.39
CA GLY A 113 20.41 -20.92 34.63
C GLY A 113 21.73 -20.32 34.15
N ARG A 114 22.30 -20.94 33.12
CA ARG A 114 23.65 -20.65 32.66
C ARG A 114 23.86 -19.22 32.14
N VAL A 115 24.92 -18.57 32.62
CA VAL A 115 25.28 -17.23 32.14
C VAL A 115 26.41 -17.30 31.09
N ASN A 116 26.25 -16.56 29.99
CA ASN A 116 27.21 -16.57 28.89
C ASN A 116 28.19 -15.39 29.08
N GLN A 117 29.40 -15.69 29.53
CA GLN A 117 30.39 -14.64 29.81
C GLN A 117 30.66 -13.74 28.60
N LYS A 118 30.65 -14.32 27.40
CA LYS A 118 30.88 -13.54 26.19
C LYS A 118 29.77 -12.52 25.92
N GLY A 119 28.53 -12.86 26.28
CA GLY A 119 27.44 -11.90 26.27
C GLY A 119 27.70 -10.75 27.22
N LEU A 120 28.08 -11.07 28.45
CA LEU A 120 28.45 -10.05 29.41
C LEU A 120 29.62 -9.19 28.88
N ASP A 121 30.61 -9.82 28.26
CA ASP A 121 31.77 -9.11 27.73
C ASP A 121 31.37 -8.03 26.70
N PHE A 122 30.47 -8.40 25.78
CA PHE A 122 29.96 -7.46 24.77
C PHE A 122 29.39 -6.17 25.38
N TYR A 123 28.49 -6.31 26.36
CA TYR A 123 27.90 -5.12 26.99
C TYR A 123 28.88 -4.41 27.94
N ASN A 124 29.75 -5.16 28.62
CA ASN A 124 30.77 -4.54 29.46
C ASN A 124 31.63 -3.56 28.66
N ARG A 125 32.10 -4.00 27.49
CA ARG A 125 32.86 -3.12 26.60
C ARG A 125 32.09 -1.86 26.18
N ILE A 126 30.83 -2.01 25.81
CA ILE A 126 30.02 -0.84 25.47
C ILE A 126 29.88 0.11 26.66
N ILE A 127 29.62 -0.44 27.83
CA ILE A 127 29.40 0.35 29.04
C ILE A 127 30.66 1.14 29.40
N ASP A 128 31.79 0.44 29.46
CA ASP A 128 33.07 1.08 29.81
C ASP A 128 33.44 2.19 28.82
N THR A 129 33.14 1.96 27.55
CA THR A 129 33.43 2.93 26.50
C THR A 129 32.59 4.19 26.62
N LEU A 130 31.30 4.01 26.91
CA LEU A 130 30.41 5.14 27.13
C LEU A 130 30.91 5.99 28.29
N LEU A 131 31.14 5.37 29.45
CA LEU A 131 31.61 6.08 30.64
C LEU A 131 32.96 6.78 30.40
N GLU A 132 33.87 6.11 29.71
CA GLU A 132 35.12 6.70 29.26
C GLU A 132 34.88 8.00 28.54
N LYS A 133 33.91 8.01 27.64
CA LYS A 133 33.64 9.17 26.81
C LYS A 133 32.58 10.12 27.38
N GLY A 134 32.25 9.95 28.67
CA GLY A 134 31.29 10.83 29.32
C GLY A 134 29.85 10.73 28.84
N ILE A 135 29.46 9.58 28.32
CA ILE A 135 28.09 9.33 27.93
C ILE A 135 27.38 8.48 28.99
N THR A 136 26.19 8.91 29.40
CA THR A 136 25.42 8.20 30.43
C THR A 136 24.61 7.04 29.84
N PRO A 137 24.92 5.80 30.25
CA PRO A 137 24.14 4.64 29.77
C PRO A 137 22.80 4.54 30.44
N PHE A 138 21.73 4.51 29.65
CA PHE A 138 20.41 4.12 30.11
C PHE A 138 20.10 2.72 29.53
N VAL A 139 20.07 1.71 30.38
CA VAL A 139 19.94 0.33 29.92
C VAL A 139 18.48 -0.17 29.97
N THR A 140 17.94 -0.51 28.82
CA THR A 140 16.67 -1.23 28.74
C THR A 140 16.91 -2.72 28.92
N ILE A 141 16.38 -3.28 30.00
CA ILE A 141 16.57 -4.70 30.30
C ILE A 141 15.83 -5.59 29.28
N TYR A 142 14.59 -5.23 29.00
CA TYR A 142 13.79 -5.97 28.03
C TYR A 142 13.23 -5.14 26.91
N HIS A 143 13.78 -5.34 25.72
CA HIS A 143 13.24 -4.67 24.53
C HIS A 143 12.86 -5.71 23.46
N TRP A 144 12.11 -6.72 23.91
CA TRP A 144 11.32 -7.61 23.04
C TRP A 144 11.99 -8.92 22.58
N ASP A 145 13.30 -9.04 22.74
CA ASP A 145 13.98 -10.28 22.30
C ASP A 145 14.04 -11.35 23.39
N LEU A 146 12.87 -11.84 23.79
CA LEU A 146 12.77 -12.92 24.75
C LEU A 146 13.53 -14.13 24.23
N PRO A 147 14.25 -14.85 25.10
CA PRO A 147 14.88 -16.11 24.71
C PRO A 147 13.80 -17.06 24.22
N PHE A 148 14.01 -17.62 23.04
CA PHE A 148 13.16 -18.66 22.49
C PHE A 148 12.88 -19.79 23.49
N ALA A 149 13.88 -20.16 24.30
CA ALA A 149 13.72 -21.24 25.28
C ALA A 149 12.61 -20.96 26.31
N LEU A 150 12.43 -19.69 26.67
CA LEU A 150 11.35 -19.30 27.53
C LEU A 150 10.00 -19.28 26.80
N GLN A 151 10.00 -18.96 25.51
CA GLN A 151 8.77 -18.96 24.74
C GLN A 151 8.19 -20.38 24.66
N LEU A 152 9.06 -21.37 24.58
CA LEU A 152 8.65 -22.77 24.60
C LEU A 152 7.91 -23.13 25.88
N LYS A 153 8.20 -22.38 26.95
CA LYS A 153 7.50 -22.54 28.22
C LYS A 153 6.36 -21.54 28.42
N GLY A 154 5.93 -20.90 27.34
CA GLY A 154 4.80 -19.99 27.40
C GLY A 154 5.13 -18.50 27.38
N GLY A 155 6.40 -18.14 27.57
CA GLY A 155 6.84 -16.75 27.61
C GLY A 155 6.04 -15.91 28.57
N TRP A 156 5.55 -14.77 28.06
CA TRP A 156 4.82 -13.82 28.90
C TRP A 156 3.48 -14.35 29.40
N ALA A 157 3.02 -15.44 28.80
CA ALA A 157 1.78 -16.09 29.20
C ALA A 157 1.92 -16.88 30.51
N ASN A 158 3.16 -17.25 30.85
CA ASN A 158 3.48 -18.07 32.01
C ASN A 158 3.82 -17.22 33.25
N ARG A 159 3.05 -17.41 34.31
CA ARG A 159 3.26 -16.71 35.58
C ARG A 159 4.68 -16.79 36.06
N GLU A 160 5.35 -17.89 35.74
CA GLU A 160 6.74 -18.08 36.14
C GLU A 160 7.74 -17.10 35.48
N ILE A 161 7.32 -16.39 34.45
CA ILE A 161 8.20 -15.38 33.86
C ILE A 161 8.63 -14.27 34.87
N ALA A 162 7.80 -14.01 35.89
CA ALA A 162 8.20 -13.09 36.95
C ALA A 162 9.47 -13.56 37.68
N ASP A 163 9.61 -14.86 37.92
CA ASP A 163 10.85 -15.45 38.45
C ASP A 163 12.00 -15.38 37.43
N TRP A 164 11.74 -15.82 36.19
CA TRP A 164 12.78 -15.78 35.14
C TRP A 164 13.32 -14.36 34.96
N PHE A 165 12.43 -13.38 34.90
CA PHE A 165 12.79 -12.00 34.68
C PHE A 165 13.58 -11.46 35.86
N ALA A 166 13.16 -11.85 37.05
CA ALA A 166 13.87 -11.51 38.28
C ALA A 166 15.31 -12.01 38.23
N GLU A 167 15.48 -13.27 37.83
CA GLU A 167 16.81 -13.88 37.76
C GLU A 167 17.72 -13.19 36.73
N TYR A 168 17.15 -12.90 35.57
CA TYR A 168 17.83 -12.18 34.51
C TYR A 168 18.23 -10.80 35.01
N SER A 169 17.27 -10.08 35.58
CA SER A 169 17.52 -8.73 36.09
C SER A 169 18.65 -8.70 37.12
N ARG A 170 18.65 -9.68 38.02
CA ARG A 170 19.70 -9.85 39.02
C ARG A 170 21.09 -9.99 38.41
N VAL A 171 21.19 -10.80 37.36
CA VAL A 171 22.46 -11.00 36.70
C VAL A 171 22.98 -9.65 36.19
N LEU A 172 22.11 -8.89 35.53
CA LEU A 172 22.49 -7.60 34.96
C LEU A 172 22.94 -6.62 36.06
N PHE A 173 22.14 -6.53 37.11
CA PHE A 173 22.46 -5.66 38.24
C PHE A 173 23.80 -6.03 38.85
N GLU A 174 24.02 -7.32 39.10
CA GLU A 174 25.25 -7.79 39.72
C GLU A 174 26.46 -7.51 38.85
N ASN A 175 26.31 -7.66 37.54
CA ASN A 175 27.43 -7.47 36.64
C ASN A 175 27.67 -6.04 36.21
N PHE A 176 26.60 -5.26 36.03
CA PHE A 176 26.72 -3.92 35.45
C PHE A 176 26.32 -2.78 36.38
N GLY A 177 25.70 -3.11 37.51
CA GLY A 177 25.09 -2.09 38.36
C GLY A 177 26.10 -1.20 39.06
N ASP A 178 27.34 -1.64 39.11
CA ASP A 178 28.47 -0.83 39.57
C ASP A 178 28.72 0.39 38.69
N ARG A 179 28.38 0.31 37.40
CA ARG A 179 28.63 1.41 36.46
C ARG A 179 27.36 1.98 35.85
N VAL A 180 26.37 1.13 35.60
CA VAL A 180 25.10 1.61 35.09
C VAL A 180 24.21 1.93 36.26
N LYS A 181 23.69 3.14 36.29
CA LYS A 181 22.84 3.56 37.41
C LYS A 181 21.45 3.98 36.96
N ASN A 182 21.18 3.93 35.67
CA ASN A 182 19.86 4.24 35.12
C ASN A 182 19.34 3.04 34.34
N TRP A 183 18.25 2.47 34.82
CA TRP A 183 17.73 1.18 34.33
C TRP A 183 16.26 1.32 33.95
N ILE A 184 15.86 0.56 32.92
CA ILE A 184 14.47 0.46 32.46
C ILE A 184 14.11 -1.03 32.41
N THR A 185 13.08 -1.46 33.15
CA THR A 185 12.68 -2.89 33.12
C THR A 185 12.16 -3.31 31.75
N LEU A 186 11.08 -2.68 31.32
CA LEU A 186 10.38 -3.06 30.09
C LEU A 186 10.20 -1.91 29.14
N ASN A 187 10.39 -2.20 27.85
CA ASN A 187 9.99 -1.29 26.78
C ASN A 187 8.61 -1.62 26.24
N GLU A 188 7.68 -0.66 26.32
CA GLU A 188 6.34 -0.77 25.71
C GLU A 188 5.65 -2.10 25.95
N PRO A 189 5.37 -2.41 27.21
CA PRO A 189 4.66 -3.66 27.53
C PRO A 189 3.29 -3.81 26.85
N TRP A 190 2.59 -2.71 26.51
CA TRP A 190 1.34 -2.85 25.75
C TRP A 190 1.61 -3.51 24.39
N VAL A 191 2.64 -3.02 23.70
CA VAL A 191 3.02 -3.62 22.42
C VAL A 191 3.38 -5.11 22.58
N VAL A 192 4.25 -5.42 23.55
CA VAL A 192 4.67 -6.77 23.83
C VAL A 192 3.45 -7.70 23.98
N ALA A 193 2.51 -7.31 24.84
CA ALA A 193 1.31 -8.12 25.08
C ALA A 193 0.36 -8.12 23.89
N ILE A 194 -0.07 -6.93 23.47
CA ILE A 194 -1.18 -6.82 22.53
C ILE A 194 -0.72 -7.07 21.11
N VAL A 195 0.35 -6.41 20.69
CA VAL A 195 0.79 -6.61 19.31
C VAL A 195 1.42 -8.00 19.16
N GLY A 196 2.03 -8.53 20.23
CA GLY A 196 2.70 -9.83 20.17
C GLY A 196 1.77 -11.01 20.35
N HIS A 197 0.71 -10.82 21.12
CA HIS A 197 -0.15 -11.94 21.50
C HIS A 197 -1.64 -11.81 21.12
N LEU A 198 -2.08 -10.65 20.66
CA LEU A 198 -3.46 -10.47 20.23
C LEU A 198 -3.50 -10.23 18.73
N TYR A 199 -2.68 -9.30 18.24
CA TYR A 199 -2.67 -8.96 16.81
C TYR A 199 -1.81 -9.94 16.04
N GLY A 200 -0.80 -10.48 16.71
CA GLY A 200 0.06 -11.46 16.06
C GLY A 200 1.04 -10.86 15.08
N VAL A 201 1.22 -9.54 15.16
CA VAL A 201 2.06 -8.84 14.21
C VAL A 201 3.54 -8.82 14.62
N HIS A 202 3.78 -9.05 15.91
CA HIS A 202 5.12 -9.06 16.46
C HIS A 202 5.30 -10.43 17.11
N ALA A 203 6.54 -10.86 17.29
CA ALA A 203 6.80 -12.09 18.08
C ALA A 203 6.10 -11.99 19.45
N PRO A 204 5.59 -13.11 19.95
CA PRO A 204 5.73 -14.40 19.29
C PRO A 204 4.64 -14.71 18.24
N GLY A 205 3.83 -13.75 17.81
CA GLY A 205 2.89 -13.95 16.72
C GLY A 205 1.60 -14.70 17.00
N MET A 206 1.05 -14.48 18.19
CA MET A 206 -0.15 -15.17 18.64
C MET A 206 -1.39 -14.22 18.53
N ARG A 207 -2.56 -14.83 18.48
CA ARG A 207 -3.82 -14.09 18.34
C ARG A 207 -4.80 -14.69 19.31
N ASP A 208 -4.61 -14.38 20.59
CA ASP A 208 -5.47 -14.89 21.63
C ASP A 208 -5.61 -13.80 22.68
N ILE A 209 -6.82 -13.28 22.84
CA ILE A 209 -7.08 -12.16 23.76
C ILE A 209 -6.86 -12.52 25.24
N TYR A 210 -7.17 -13.76 25.63
CA TYR A 210 -6.94 -14.20 27.00
C TYR A 210 -5.43 -14.33 27.29
N VAL A 211 -4.68 -14.86 26.32
CA VAL A 211 -3.22 -14.87 26.45
C VAL A 211 -2.69 -13.43 26.56
N ALA A 212 -3.12 -12.56 25.65
CA ALA A 212 -2.63 -11.19 25.64
C ALA A 212 -2.83 -10.44 26.96
N PHE A 213 -3.97 -10.65 27.64
CA PHE A 213 -4.16 -9.95 28.91
C PHE A 213 -3.45 -10.64 30.08
N ARG A 214 -3.26 -11.95 29.98
CA ARG A 214 -2.34 -12.62 30.91
C ARG A 214 -0.90 -12.11 30.79
N ALA A 215 -0.50 -11.77 29.57
CA ALA A 215 0.81 -11.18 29.30
C ALA A 215 0.91 -9.76 29.87
N VAL A 216 -0.12 -8.95 29.69
CA VAL A 216 -0.18 -7.63 30.37
C VAL A 216 0.09 -7.79 31.85
N HIS A 217 -0.60 -8.73 32.48
CA HIS A 217 -0.53 -8.93 33.93
C HIS A 217 0.84 -9.44 34.39
N ASN A 218 1.36 -10.43 33.67
CA ASN A 218 2.68 -10.97 33.98
C ASN A 218 3.82 -9.97 33.73
N LEU A 219 3.68 -9.13 32.73
CA LEU A 219 4.65 -8.06 32.47
C LEU A 219 4.77 -7.15 33.70
N LEU A 220 3.62 -6.75 34.26
CA LEU A 220 3.61 -6.00 35.51
C LEU A 220 4.27 -6.76 36.66
N ARG A 221 3.95 -8.04 36.80
CA ARG A 221 4.50 -8.79 37.93
C ARG A 221 6.00 -8.92 37.78
N ALA A 222 6.47 -9.15 36.56
CA ALA A 222 7.91 -9.29 36.31
C ALA A 222 8.59 -7.94 36.48
N HIS A 223 8.00 -6.87 35.97
CA HIS A 223 8.56 -5.54 36.22
C HIS A 223 8.77 -5.31 37.72
N ALA A 224 7.74 -5.60 38.51
CA ALA A 224 7.78 -5.36 39.95
C ALA A 224 8.82 -6.23 40.66
N ARG A 225 8.92 -7.51 40.27
CA ARG A 225 9.98 -8.36 40.84
C ARG A 225 11.39 -7.85 40.56
N ALA A 226 11.60 -7.34 39.34
CA ALA A 226 12.89 -6.79 38.96
C ALA A 226 13.23 -5.53 39.76
N VAL A 227 12.26 -4.65 39.97
CA VAL A 227 12.47 -3.47 40.81
C VAL A 227 12.85 -3.87 42.26
N LYS A 228 12.20 -4.90 42.79
CA LYS A 228 12.50 -5.45 44.12
C LYS A 228 13.96 -5.91 44.24
N VAL A 229 14.39 -6.75 43.29
CA VAL A 229 15.77 -7.17 43.19
C VAL A 229 16.73 -5.98 43.05
N PHE A 230 16.35 -4.99 42.25
CA PHE A 230 17.16 -3.78 42.06
C PHE A 230 17.46 -3.08 43.41
N ARG A 231 16.44 -2.93 44.27
CA ARG A 231 16.60 -2.29 45.59
C ARG A 231 17.62 -3.03 46.45
N GLU A 232 17.74 -4.33 46.21
CA GLU A 232 18.63 -5.19 46.97
C GLU A 232 20.06 -5.27 46.40
N THR A 233 20.25 -4.84 45.15
CA THR A 233 21.55 -5.06 44.49
C THR A 233 22.25 -3.78 44.02
N VAL A 234 21.51 -2.74 43.70
CA VAL A 234 22.06 -1.49 43.23
C VAL A 234 21.50 -0.37 44.12
N LYS A 235 22.07 -0.22 45.30
CA LYS A 235 21.47 0.68 46.28
C LYS A 235 21.55 2.16 45.89
N ASP A 236 22.46 2.51 44.96
CA ASP A 236 22.56 3.88 44.43
C ASP A 236 22.11 4.10 42.98
N GLY A 237 21.14 3.33 42.50
CA GLY A 237 20.62 3.52 41.15
C GLY A 237 19.19 4.00 41.05
N LYS A 238 18.75 4.23 39.82
CA LYS A 238 17.39 4.62 39.53
C LYS A 238 16.81 3.65 38.49
N ILE A 239 15.56 3.25 38.69
CA ILE A 239 14.91 2.32 37.77
C ILE A 239 13.49 2.76 37.42
N GLY A 240 13.13 2.61 36.15
CA GLY A 240 11.82 2.99 35.66
C GLY A 240 11.27 2.00 34.65
N ILE A 241 10.34 2.45 33.85
CA ILE A 241 9.62 1.63 32.90
C ILE A 241 9.11 2.52 31.79
N VAL A 242 9.08 2.00 30.57
CA VAL A 242 8.79 2.78 29.37
C VAL A 242 7.48 2.37 28.72
N PHE A 243 6.68 3.37 28.34
CA PHE A 243 5.37 3.10 27.73
C PHE A 243 5.23 3.77 26.36
N ASN A 244 4.61 3.10 25.41
CA ASN A 244 4.18 3.77 24.20
C ASN A 244 2.93 4.62 24.50
N ASN A 245 2.80 5.72 23.79
CA ASN A 245 1.61 6.57 23.93
C ASN A 245 1.27 7.23 22.61
N GLY A 246 -0.02 7.40 22.40
CA GLY A 246 -0.55 8.17 21.28
C GLY A 246 -1.43 9.28 21.79
N TYR A 247 -1.57 10.35 21.00
CA TYR A 247 -2.44 11.47 21.37
C TYR A 247 -3.78 11.23 20.72
N PHE A 248 -4.76 10.76 21.49
CA PHE A 248 -6.05 10.45 20.92
C PHE A 248 -7.05 11.60 21.07
N GLU A 249 -7.72 11.91 19.95
CA GLU A 249 -8.75 12.94 19.89
C GLU A 249 -10.05 12.37 19.33
N PRO A 250 -11.18 12.89 19.81
CA PRO A 250 -12.49 12.44 19.36
C PRO A 250 -12.84 13.06 18.01
N ALA A 251 -13.45 12.26 17.14
CA ALA A 251 -13.83 12.69 15.80
C ALA A 251 -14.86 13.80 15.91
N SER A 252 -15.83 13.58 16.79
CA SER A 252 -16.88 14.54 17.06
C SER A 252 -16.74 15.12 18.47
N GLU A 253 -17.62 16.04 18.80
CA GLU A 253 -17.83 16.43 20.19
C GLU A 253 -19.02 15.66 20.74
N ARG A 259 -15.32 9.55 24.86
CA ARG A 259 -15.30 8.35 25.67
C ARG A 259 -14.47 7.25 25.05
N ALA A 260 -14.58 7.11 23.73
CA ALA A 260 -13.76 6.16 23.00
C ALA A 260 -12.33 6.64 23.13
N VAL A 261 -12.16 7.96 23.19
CA VAL A 261 -10.85 8.56 23.44
C VAL A 261 -10.37 8.20 24.85
N ARG A 262 -11.28 8.21 25.82
CA ARG A 262 -10.96 7.85 27.20
C ARG A 262 -10.52 6.39 27.30
N PHE A 263 -11.21 5.52 26.57
CA PHE A 263 -10.82 4.12 26.51
C PHE A 263 -9.42 3.93 25.92
N MET A 264 -9.16 4.57 24.78
CA MET A 264 -7.88 4.39 24.10
C MET A 264 -6.73 4.87 24.95
N HIS A 265 -6.96 5.96 25.68
CA HIS A 265 -5.91 6.50 26.53
C HIS A 265 -5.61 5.50 27.63
N GLN A 266 -6.65 4.95 28.23
CA GLN A 266 -6.48 4.06 29.37
C GLN A 266 -5.89 2.71 29.00
N PHE A 267 -6.14 2.30 27.76
CA PHE A 267 -5.77 0.96 27.27
C PHE A 267 -4.42 1.02 26.58
N ASN A 268 -4.26 1.95 25.65
CA ASN A 268 -3.06 2.07 24.82
C ASN A 268 -1.94 2.91 25.46
N ASN A 269 -2.29 3.79 26.41
CA ASN A 269 -1.27 4.66 27.01
C ASN A 269 -0.84 4.19 28.39
N TYR A 270 0.13 4.87 28.99
CA TYR A 270 0.67 4.56 30.32
C TYR A 270 -0.29 4.15 31.48
N PRO A 271 -1.57 4.57 31.49
CA PRO A 271 -2.47 4.16 32.59
C PRO A 271 -2.66 2.65 32.72
N LEU A 272 -2.71 1.91 31.60
CA LEU A 272 -2.86 0.44 31.67
C LEU A 272 -1.91 -0.15 32.70
N PHE A 273 -0.72 0.44 32.79
CA PHE A 273 0.34 -0.02 33.69
C PHE A 273 0.53 0.84 34.94
N LEU A 274 0.36 2.15 34.80
CA LEU A 274 0.60 3.07 35.93
C LEU A 274 -0.58 3.10 36.92
N ASN A 275 -1.78 2.77 36.49
CA ASN A 275 -2.86 2.64 37.45
C ASN A 275 -2.64 1.48 38.41
N PRO A 276 -2.21 0.30 37.91
CA PRO A 276 -1.75 -0.76 38.81
C PRO A 276 -0.57 -0.33 39.67
N ILE A 277 0.46 0.25 39.07
CA ILE A 277 1.68 0.56 39.80
C ILE A 277 1.44 1.61 40.92
N TYR A 278 0.63 2.62 40.61
CA TYR A 278 0.36 3.74 41.52
C TYR A 278 -0.92 3.55 42.38
N ARG A 279 -1.93 2.87 41.83
CA ARG A 279 -3.25 2.77 42.45
C ARG A 279 -3.71 1.36 42.83
N GLY A 280 -3.03 0.34 42.30
CA GLY A 280 -3.34 -1.02 42.68
C GLY A 280 -4.49 -1.66 41.92
N ASP A 281 -4.83 -1.13 40.76
CA ASP A 281 -5.82 -1.79 39.90
C ASP A 281 -5.68 -1.27 38.49
N TYR A 282 -6.27 -1.97 37.53
CA TYR A 282 -6.29 -1.50 36.17
C TYR A 282 -7.28 -0.38 36.07
N PRO A 283 -7.12 0.47 35.07
CA PRO A 283 -8.07 1.57 34.85
C PRO A 283 -9.47 1.05 34.54
N GLU A 284 -10.48 1.83 34.95
CA GLU A 284 -11.89 1.51 34.87
C GLU A 284 -12.39 1.01 33.52
N LEU A 285 -12.07 1.75 32.46
CA LEU A 285 -12.56 1.38 31.14
C LEU A 285 -11.87 0.10 30.60
N VAL A 286 -10.66 -0.16 31.07
CA VAL A 286 -9.99 -1.40 30.74
C VAL A 286 -10.66 -2.57 31.41
N LEU A 287 -10.99 -2.42 32.68
CA LEU A 287 -11.68 -3.48 33.38
C LEU A 287 -13.05 -3.73 32.75
N GLU A 288 -13.71 -2.67 32.28
CA GLU A 288 -15.00 -2.84 31.61
C GLU A 288 -14.85 -3.72 30.38
N PHE A 289 -13.84 -3.39 29.57
CA PHE A 289 -13.57 -4.16 28.36
C PHE A 289 -12.98 -5.57 28.62
N ALA A 290 -12.04 -5.66 29.56
CA ALA A 290 -11.15 -6.84 29.60
C ALA A 290 -11.14 -7.69 30.86
N ARG A 291 -12.07 -7.45 31.79
CA ARG A 291 -12.09 -8.21 33.04
C ARG A 291 -12.17 -9.71 32.81
N GLU A 292 -12.97 -10.12 31.82
CA GLU A 292 -13.15 -11.54 31.47
C GLU A 292 -11.84 -12.17 30.99
N TYR A 293 -10.94 -11.36 30.48
CA TYR A 293 -9.68 -11.86 29.90
C TYR A 293 -8.55 -11.90 30.91
N LEU A 294 -8.72 -11.20 32.02
CA LEU A 294 -7.70 -11.19 33.07
C LEU A 294 -7.76 -12.46 33.89
N PRO A 295 -6.67 -12.83 34.54
CA PRO A 295 -6.69 -14.01 35.39
C PRO A 295 -7.71 -13.82 36.50
N GLU A 296 -8.26 -14.94 36.94
CA GLU A 296 -9.24 -14.96 38.01
C GLU A 296 -8.84 -14.22 39.26
N ASN A 297 -7.74 -14.42 39.90
CA ASN A 297 -7.55 -13.62 41.11
C ASN A 297 -6.45 -12.58 40.91
N TYR A 298 -6.55 -11.83 39.82
CA TYR A 298 -5.47 -10.92 39.42
C TYR A 298 -5.15 -9.87 40.49
N LYS A 299 -6.16 -9.49 41.27
CA LYS A 299 -6.03 -8.48 42.32
C LYS A 299 -5.07 -8.90 43.41
N ASP A 300 -4.91 -10.21 43.62
CA ASP A 300 -3.96 -10.69 44.61
C ASP A 300 -2.50 -10.30 44.31
N ASP A 301 -2.21 -9.94 43.06
CA ASP A 301 -0.85 -9.56 42.70
C ASP A 301 -0.63 -8.05 42.82
N MET A 302 -1.71 -7.30 43.02
CA MET A 302 -1.60 -5.84 42.91
C MET A 302 -0.71 -5.16 43.96
N SER A 303 -0.67 -5.67 45.19
CA SER A 303 0.18 -5.00 46.17
C SER A 303 1.66 -5.16 45.82
N GLU A 304 2.02 -6.31 45.29
CA GLU A 304 3.41 -6.53 44.88
C GLU A 304 3.77 -5.68 43.65
N ILE A 305 2.81 -5.51 42.76
CA ILE A 305 2.96 -4.69 41.57
C ILE A 305 3.20 -3.20 41.88
N GLN A 306 2.72 -2.74 43.03
CA GLN A 306 2.90 -1.35 43.45
C GLN A 306 4.31 -0.98 43.92
N GLU A 307 5.28 -1.86 43.73
CA GLU A 307 6.69 -1.57 44.00
C GLU A 307 7.08 -0.15 43.50
N LYS A 308 7.75 0.64 44.34
CA LYS A 308 8.03 2.05 44.00
C LYS A 308 9.03 2.18 42.84
N ILE A 309 8.69 2.98 41.85
CA ILE A 309 9.61 3.24 40.75
C ILE A 309 10.15 4.66 40.85
N ASP A 310 11.28 4.89 40.19
CA ASP A 310 11.98 6.16 40.24
C ASP A 310 11.60 7.12 39.12
N PHE A 311 11.29 6.58 37.95
CA PHE A 311 10.89 7.42 36.84
C PHE A 311 9.97 6.66 35.88
N VAL A 312 9.25 7.43 35.08
CA VAL A 312 8.41 6.92 34.01
C VAL A 312 9.04 7.38 32.68
N GLY A 313 9.27 6.43 31.76
CA GLY A 313 9.69 6.75 30.40
C GLY A 313 8.45 6.79 29.52
N LEU A 314 8.30 7.84 28.72
CA LEU A 314 7.21 7.89 27.75
C LEU A 314 7.79 7.98 26.33
N ASN A 315 7.33 7.07 25.47
CA ASN A 315 7.63 7.11 24.05
C ASN A 315 6.46 7.80 23.39
N TYR A 316 6.73 8.63 22.40
CA TYR A 316 5.63 9.29 21.69
C TYR A 316 5.97 9.54 20.22
N TYR A 317 5.05 9.24 19.33
CA TYR A 317 5.31 9.39 17.91
C TYR A 317 4.20 10.10 17.17
N SER A 318 2.96 9.83 17.55
CA SER A 318 1.84 10.13 16.68
C SER A 318 0.52 10.42 17.39
N GLY A 319 -0.38 11.09 16.67
CA GLY A 319 -1.75 11.29 17.12
C GLY A 319 -2.76 10.60 16.23
N HIS A 320 -3.96 10.39 16.75
CA HIS A 320 -5.00 9.63 16.10
C HIS A 320 -6.36 10.21 16.42
N LEU A 321 -7.14 10.49 15.38
CA LEU A 321 -8.55 10.82 15.56
C LEU A 321 -9.32 9.50 15.69
N VAL A 322 -10.23 9.45 16.65
CA VAL A 322 -10.89 8.22 17.04
C VAL A 322 -12.39 8.45 17.22
N LYS A 323 -13.19 7.41 17.01
CA LYS A 323 -14.62 7.52 17.18
C LYS A 323 -15.17 6.17 17.60
N PHE A 324 -16.30 6.17 18.30
CA PHE A 324 -17.00 4.93 18.58
C PHE A 324 -17.37 4.24 17.28
N ASP A 325 -17.37 2.92 17.31
CA ASP A 325 -17.74 2.11 16.16
C ASP A 325 -18.21 0.79 16.73
N PRO A 326 -19.42 0.38 16.39
CA PRO A 326 -19.99 -0.85 16.93
C PRO A 326 -19.44 -2.09 16.24
N ALA A 330 -12.61 -3.43 19.32
CA ALA A 330 -12.64 -2.93 20.69
C ALA A 330 -13.67 -1.82 20.82
N LYS A 331 -14.57 -1.78 19.84
CA LYS A 331 -15.59 -0.72 19.70
C LYS A 331 -15.01 0.66 19.38
N VAL A 332 -13.80 0.69 18.83
CA VAL A 332 -13.16 1.94 18.42
C VAL A 332 -12.52 1.85 17.05
N SER A 333 -12.75 2.85 16.23
CA SER A 333 -12.06 2.92 14.95
C SER A 333 -11.26 4.21 14.86
N PHE A 334 -10.21 4.17 14.06
CA PHE A 334 -9.44 5.35 13.72
C PHE A 334 -10.03 6.03 12.48
N VAL A 335 -10.03 7.35 12.49
CA VAL A 335 -10.47 8.12 11.35
C VAL A 335 -9.26 8.80 10.75
N GLU A 336 -8.93 8.47 9.51
CA GLU A 336 -7.83 9.14 8.82
C GLU A 336 -8.09 10.64 8.71
N ARG A 337 -7.08 11.44 9.01
CA ARG A 337 -7.18 12.89 8.89
C ARG A 337 -6.23 13.37 7.82
N ASP A 338 -6.26 14.65 7.50
CA ASP A 338 -5.33 15.19 6.53
C ASP A 338 -3.94 15.11 7.12
N LEU A 339 -3.42 16.24 7.59
CA LEU A 339 -2.18 16.27 8.36
C LEU A 339 -0.99 15.60 7.68
N PRO A 340 0.17 16.25 7.75
CA PRO A 340 1.40 15.62 7.29
C PRO A 340 1.60 14.27 8.01
N LYS A 341 2.09 13.29 7.27
CA LYS A 341 2.34 11.96 7.82
C LYS A 341 3.79 11.58 7.56
N THR A 342 4.29 10.63 8.34
CA THR A 342 5.61 10.07 8.13
C THR A 342 5.49 8.91 7.13
N ALA A 343 6.62 8.28 6.81
CA ALA A 343 6.63 7.09 5.96
C ALA A 343 5.90 5.91 6.58
N MET A 344 5.64 5.96 7.89
CA MET A 344 4.83 4.96 8.57
C MET A 344 3.35 5.21 8.28
N GLY A 345 3.07 6.37 7.72
CA GLY A 345 1.72 6.88 7.61
C GLY A 345 1.19 7.41 8.94
N TRP A 346 2.10 7.70 9.87
CA TRP A 346 1.71 8.22 11.19
C TRP A 346 1.52 9.73 11.12
N GLU A 347 0.38 10.21 11.60
CA GLU A 347 0.08 11.64 11.61
C GLU A 347 0.95 12.38 12.61
N ILE A 348 1.54 13.48 12.13
CA ILE A 348 2.47 14.30 12.87
C ILE A 348 1.67 15.31 13.69
N VAL A 349 1.63 15.12 15.00
CA VAL A 349 0.89 16.00 15.91
C VAL A 349 1.74 16.35 17.12
N PRO A 350 2.60 17.35 16.97
CA PRO A 350 3.59 17.68 17.99
C PRO A 350 3.01 17.98 19.36
N GLU A 351 1.83 18.59 19.41
CA GLU A 351 1.22 18.93 20.70
C GLU A 351 0.84 17.70 21.51
N GLY A 352 0.91 16.52 20.90
CA GLY A 352 0.67 15.28 21.60
C GLY A 352 1.70 15.06 22.68
N ILE A 353 2.96 15.38 22.39
CA ILE A 353 4.03 15.16 23.36
C ILE A 353 3.89 16.07 24.59
N TYR A 354 3.40 17.29 24.39
CA TYR A 354 3.05 18.18 25.51
C TYR A 354 1.87 17.61 26.29
N TRP A 355 0.81 17.23 25.57
CA TRP A 355 -0.39 16.71 26.19
C TRP A 355 -0.11 15.51 27.09
N ILE A 356 0.67 14.56 26.59
CA ILE A 356 0.98 13.36 27.33
C ILE A 356 1.90 13.64 28.53
N LEU A 357 2.80 14.62 28.38
CA LEU A 357 3.62 15.02 29.54
C LEU A 357 2.77 15.62 30.66
N LYS A 358 1.85 16.49 30.28
CA LYS A 358 0.94 17.16 31.22
C LYS A 358 0.04 16.13 31.89
N LYS A 359 -0.53 15.27 31.06
CA LYS A 359 -1.48 14.27 31.49
C LYS A 359 -0.83 13.32 32.49
N VAL A 360 0.40 12.89 32.24
CA VAL A 360 1.06 11.95 33.15
C VAL A 360 1.30 12.56 34.54
N LYS A 361 1.69 13.84 34.59
CA LYS A 361 1.80 14.53 35.87
C LYS A 361 0.44 14.65 36.58
N GLU A 362 -0.58 15.03 35.84
CA GLU A 362 -1.94 15.18 36.37
C GLU A 362 -2.49 13.89 36.99
N GLU A 363 -2.21 12.75 36.36
CA GLU A 363 -2.87 11.53 36.79
C GLU A 363 -2.06 10.76 37.83
N TYR A 364 -0.75 10.75 37.70
CA TYR A 364 0.06 9.90 38.59
C TYR A 364 1.23 10.65 39.23
N ASN A 365 1.50 11.85 38.75
CA ASN A 365 2.59 12.68 39.27
C ASN A 365 3.87 11.94 39.66
N PRO A 366 4.49 11.24 38.70
CA PRO A 366 5.74 10.55 38.98
C PRO A 366 6.83 11.58 39.26
N PRO A 367 7.78 11.20 40.12
CA PRO A 367 8.86 12.10 40.52
C PRO A 367 9.74 12.57 39.35
N GLU A 368 9.97 11.69 38.39
CA GLU A 368 10.72 12.03 37.18
C GLU A 368 10.06 11.43 35.94
N VAL A 369 10.14 12.16 34.83
CA VAL A 369 9.73 11.64 33.54
C VAL A 369 10.88 11.83 32.55
N TYR A 370 11.05 10.87 31.64
CA TYR A 370 11.88 11.03 30.46
C TYR A 370 11.05 10.74 29.22
N ILE A 371 11.28 11.51 28.15
CA ILE A 371 10.84 11.05 26.84
C ILE A 371 11.95 10.09 26.40
N THR A 372 11.64 8.80 26.45
CA THR A 372 12.63 7.76 26.16
C THR A 372 12.73 7.41 24.66
N GLU A 373 11.76 7.89 23.86
CA GLU A 373 11.75 7.73 22.41
C GLU A 373 10.86 8.80 21.76
N ASN A 374 11.37 9.44 20.69
CA ASN A 374 10.60 10.37 19.83
C ASN A 374 11.37 10.49 18.52
N GLY A 375 10.66 10.42 17.41
CA GLY A 375 11.32 10.45 16.13
C GLY A 375 10.38 10.13 15.00
N ALA A 376 10.92 9.96 13.81
CA ALA A 376 10.11 9.83 12.62
C ALA A 376 10.84 9.06 11.54
N ALA A 377 10.09 8.29 10.76
CA ALA A 377 10.63 7.67 9.57
C ALA A 377 10.29 8.48 8.34
N PHE A 378 11.28 8.75 7.51
CA PHE A 378 11.09 9.37 6.20
C PHE A 378 11.94 8.61 5.18
N ASP A 379 11.58 8.74 3.90
CA ASP A 379 12.35 8.09 2.84
C ASP A 379 13.61 8.86 2.50
N ASP A 380 14.62 8.73 3.36
CA ASP A 380 15.88 9.43 3.20
C ASP A 380 16.63 8.93 1.98
N VAL A 381 17.33 9.85 1.32
CA VAL A 381 18.26 9.49 0.26
C VAL A 381 19.54 10.29 0.42
N VAL A 382 20.67 9.65 0.14
CA VAL A 382 21.94 10.34 0.03
C VAL A 382 21.97 11.12 -1.28
N SER A 383 22.06 12.45 -1.18
CA SER A 383 22.20 13.32 -2.34
C SER A 383 23.55 13.15 -2.99
N GLU A 384 23.72 13.75 -4.18
CA GLU A 384 24.98 13.68 -4.90
C GLU A 384 26.08 14.33 -4.08
N ASP A 385 25.70 15.31 -3.25
CA ASP A 385 26.66 15.96 -2.37
C ASP A 385 27.06 15.11 -1.16
N GLY A 386 26.53 13.89 -1.10
CA GLY A 386 26.91 12.94 -0.07
C GLY A 386 26.26 13.17 1.29
N ARG A 387 25.28 14.06 1.32
CA ARG A 387 24.56 14.37 2.55
C ARG A 387 23.12 13.84 2.48
N VAL A 388 22.49 13.68 3.65
CA VAL A 388 21.09 13.32 3.71
C VAL A 388 20.35 14.52 4.24
N HIS A 389 19.62 15.20 3.35
CA HIS A 389 18.97 16.45 3.69
C HIS A 389 17.57 16.20 4.19
N ASP A 390 17.48 15.67 5.41
CA ASP A 390 16.20 15.32 5.98
C ASP A 390 15.55 16.45 6.79
N GLN A 391 15.25 17.53 6.09
CA GLN A 391 14.61 18.69 6.68
C GLN A 391 13.30 18.30 7.34
N ASN A 392 12.61 17.34 6.74
CA ASN A 392 11.38 16.81 7.33
C ASN A 392 11.56 16.23 8.73
N ARG A 393 12.66 15.52 8.96
CA ARG A 393 12.96 15.02 10.30
C ARG A 393 13.35 16.13 11.27
N ILE A 394 14.13 17.10 10.78
CA ILE A 394 14.50 18.24 11.58
C ILE A 394 13.26 18.94 12.08
N ASP A 395 12.30 19.16 11.17
CA ASP A 395 11.07 19.87 11.53
C ASP A 395 10.26 19.09 12.55
N TYR A 396 10.14 17.79 12.31
CA TYR A 396 9.47 16.91 13.26
C TYR A 396 10.13 17.01 14.62
N LEU A 397 11.44 16.81 14.69
CA LEU A 397 12.12 16.84 15.98
C LEU A 397 11.98 18.20 16.68
N LYS A 398 12.24 19.27 15.93
CA LYS A 398 12.17 20.63 16.46
C LYS A 398 10.83 20.95 17.08
N ALA A 399 9.76 20.64 16.37
CA ALA A 399 8.41 20.82 16.87
C ALA A 399 8.14 20.10 18.19
N HIS A 400 8.64 18.87 18.32
CA HIS A 400 8.33 18.06 19.49
C HIS A 400 9.17 18.50 20.67
N ILE A 401 10.44 18.80 20.43
CA ILE A 401 11.32 19.32 21.49
C ILE A 401 10.77 20.63 22.08
N GLY A 402 10.11 21.42 21.23
CA GLY A 402 9.49 22.65 21.64
C GLY A 402 8.33 22.41 22.58
N GLN A 403 7.51 21.43 22.23
CA GLN A 403 6.35 21.07 23.05
C GLN A 403 6.78 20.48 24.40
N ALA A 404 7.85 19.72 24.40
CA ALA A 404 8.40 19.18 25.64
C ALA A 404 8.96 20.30 26.52
N TRP A 405 9.62 21.27 25.89
CA TRP A 405 10.05 22.48 26.56
C TRP A 405 8.88 23.12 27.29
N LYS A 406 7.76 23.26 26.59
CA LYS A 406 6.55 23.84 27.15
C LYS A 406 6.07 23.13 28.40
N ALA A 407 6.03 21.80 28.34
CA ALA A 407 5.61 20.98 29.48
C ALA A 407 6.51 21.26 30.68
N ILE A 408 7.79 21.42 30.42
CA ILE A 408 8.75 21.77 31.47
C ILE A 408 8.43 23.12 32.11
N GLN A 409 8.13 24.12 31.28
CA GLN A 409 7.80 25.45 31.80
C GLN A 409 6.53 25.39 32.65
N GLU A 410 5.66 24.42 32.39
CA GLU A 410 4.44 24.31 33.16
C GLU A 410 4.48 23.23 34.23
N GLY A 411 5.68 22.90 34.70
CA GLY A 411 5.83 22.06 35.87
C GLY A 411 6.16 20.57 35.72
N VAL A 412 6.14 20.04 34.51
CA VAL A 412 6.42 18.61 34.33
C VAL A 412 7.90 18.34 34.62
N PRO A 413 8.17 17.40 35.52
CA PRO A 413 9.55 17.04 35.86
C PRO A 413 10.28 16.20 34.78
N LEU A 414 10.33 16.69 33.54
CA LEU A 414 11.10 16.07 32.46
C LEU A 414 12.60 16.25 32.63
N LYS A 415 13.31 15.14 32.85
CA LYS A 415 14.76 15.19 33.04
C LYS A 415 15.56 14.82 31.78
N GLY A 416 14.88 14.39 30.73
CA GLY A 416 15.61 13.93 29.56
C GLY A 416 14.75 13.68 28.33
N TYR A 417 15.44 13.53 27.20
CA TYR A 417 14.78 13.36 25.91
C TYR A 417 15.71 12.55 24.99
N PHE A 418 15.20 11.44 24.48
CA PHE A 418 15.99 10.52 23.65
C PHE A 418 15.38 10.43 22.25
N VAL A 419 16.19 10.66 21.23
CA VAL A 419 15.71 10.51 19.86
C VAL A 419 15.75 9.04 19.46
N TRP A 420 14.63 8.52 18.96
CA TRP A 420 14.66 7.25 18.25
C TRP A 420 14.83 7.60 16.77
N SER A 421 15.95 7.27 16.14
CA SER A 421 17.02 6.43 16.68
C SER A 421 18.40 7.01 16.30
N LEU A 422 19.45 6.56 16.97
CA LEU A 422 20.79 6.89 16.50
C LEU A 422 20.96 6.48 15.02
N LEU A 423 20.54 5.26 14.69
CA LEU A 423 20.83 4.66 13.39
C LEU A 423 19.54 4.20 12.72
N ASP A 424 19.47 4.26 11.40
CA ASP A 424 18.48 3.46 10.67
C ASP A 424 18.69 2.00 11.10
N ASN A 425 17.61 1.26 11.24
CA ASN A 425 17.74 -0.10 11.74
C ASN A 425 16.58 -1.01 11.35
N PHE A 426 16.56 -2.22 11.90
CA PHE A 426 15.48 -3.19 11.62
C PHE A 426 14.19 -2.75 12.34
N GLU A 427 13.22 -2.26 11.58
CA GLU A 427 11.98 -1.74 12.18
C GLU A 427 10.91 -2.82 12.29
N TRP A 428 11.26 -3.87 13.04
CA TRP A 428 10.34 -4.94 13.40
C TRP A 428 9.64 -5.54 12.17
N ALA A 429 8.31 -5.59 12.15
CA ALA A 429 7.65 -6.26 11.03
C ALA A 429 7.74 -5.44 9.71
N GLU A 430 8.24 -4.21 9.79
CA GLU A 430 8.49 -3.39 8.62
C GLU A 430 9.87 -3.67 7.99
N GLY A 431 10.71 -4.43 8.72
CA GLY A 431 12.06 -4.68 8.24
C GLY A 431 12.87 -3.39 8.06
N TYR A 432 13.80 -3.40 7.09
CA TYR A 432 14.68 -2.26 6.86
C TYR A 432 14.04 -1.11 6.06
N SER A 433 12.81 -1.29 5.63
CA SER A 433 12.13 -0.31 4.78
C SER A 433 11.76 1.00 5.49
N LYS A 434 11.88 1.05 6.82
CA LYS A 434 11.59 2.29 7.55
C LYS A 434 12.82 2.81 8.27
N ARG A 435 13.30 3.97 7.83
CA ARG A 435 14.50 4.59 8.41
C ARG A 435 14.16 5.67 9.43
N PHE A 436 14.52 5.43 10.68
CA PHE A 436 14.25 6.37 11.78
C PHE A 436 15.51 7.11 12.22
N GLY A 437 16.67 6.74 11.69
CA GLY A 437 17.93 7.21 12.22
C GLY A 437 18.18 8.71 12.02
N ILE A 438 19.01 9.31 12.87
CA ILE A 438 19.58 10.61 12.56
C ILE A 438 20.94 10.35 11.93
N VAL A 439 21.30 9.07 11.87
CA VAL A 439 22.43 8.60 11.11
C VAL A 439 21.93 7.57 10.09
N TYR A 440 22.25 7.83 8.83
CA TYR A 440 21.90 6.96 7.73
C TYR A 440 22.80 5.73 7.68
N VAL A 441 22.19 4.58 7.42
CA VAL A 441 22.99 3.38 7.24
C VAL A 441 22.85 2.80 5.84
N ASP A 442 23.97 2.74 5.14
CA ASP A 442 24.02 2.06 3.86
C ASP A 442 24.27 0.59 4.15
N TYR A 443 23.22 -0.20 4.01
CA TYR A 443 23.28 -1.61 4.42
C TYR A 443 24.22 -2.44 3.55
N SER A 444 24.35 -2.08 2.28
CA SER A 444 25.27 -2.78 1.37
C SER A 444 26.74 -2.68 1.81
N THR A 445 27.12 -1.56 2.44
CA THR A 445 28.48 -1.37 2.92
C THR A 445 28.61 -1.26 4.45
N GLN A 446 27.49 -0.99 5.13
CA GLN A 446 27.47 -0.63 6.56
C GLN A 446 28.06 0.75 6.83
N LYS A 447 28.18 1.58 5.80
CA LYS A 447 28.63 2.95 5.96
C LYS A 447 27.61 3.79 6.77
N ARG A 448 28.10 4.57 7.71
CA ARG A 448 27.28 5.54 8.45
C ARG A 448 27.44 6.93 7.86
N ILE A 449 26.32 7.59 7.63
CA ILE A 449 26.31 8.95 7.10
C ILE A 449 25.42 9.78 8.00
N VAL A 450 26.03 10.65 8.80
CA VAL A 450 25.28 11.52 9.69
C VAL A 450 24.34 12.37 8.85
N LYS A 451 23.06 12.34 9.20
CA LYS A 451 22.07 13.14 8.49
C LYS A 451 22.05 14.59 8.98
N ASP A 452 21.37 15.44 8.23
CA ASP A 452 21.23 16.84 8.60
C ASP A 452 20.59 16.93 9.98
N SER A 453 19.65 16.03 10.24
CA SER A 453 18.95 15.99 11.53
C SER A 453 19.93 15.69 12.66
N GLY A 454 20.89 14.82 12.42
CA GLY A 454 21.94 14.54 13.38
C GLY A 454 22.84 15.74 13.69
N TYR A 455 23.20 16.49 12.66
CA TYR A 455 24.03 17.67 12.85
C TYR A 455 23.23 18.69 13.64
N TRP A 456 21.97 18.83 13.27
CA TRP A 456 21.03 19.74 13.90
C TRP A 456 20.83 19.44 15.38
N TYR A 457 20.68 18.16 15.70
CA TYR A 457 20.39 17.71 17.06
C TYR A 457 21.62 17.93 17.90
N SER A 458 22.78 17.75 17.28
CA SER A 458 24.06 18.00 17.91
C SER A 458 24.18 19.44 18.42
N ASN A 459 23.66 20.38 17.62
CA ASN A 459 23.64 21.80 17.96
C ASN A 459 22.69 22.04 19.11
N VAL A 460 21.53 21.40 19.04
CA VAL A 460 20.56 21.48 20.12
C VAL A 460 21.18 21.02 21.45
N VAL A 461 21.90 19.90 21.45
CA VAL A 461 22.47 19.40 22.71
C VAL A 461 23.56 20.33 23.26
N LYS A 462 24.49 20.71 22.40
CA LYS A 462 25.55 21.67 22.74
C LYS A 462 24.99 22.96 23.34
N ASN A 463 23.95 23.50 22.70
CA ASN A 463 23.28 24.70 23.19
C ASN A 463 22.30 24.43 24.33
N ASN A 464 22.12 23.15 24.67
CA ASN A 464 21.11 22.72 25.64
C ASN A 464 19.71 23.29 25.39
N GLY A 465 19.31 23.38 24.13
CA GLY A 465 17.96 23.80 23.77
C GLY A 465 17.80 24.29 22.34
N LEU A 466 16.63 24.83 22.02
CA LEU A 466 16.36 25.33 20.67
C LEU A 466 16.78 26.81 20.55
N GLU A 467 17.07 27.27 19.34
CA GLU A 467 17.49 28.66 19.15
C GLU A 467 16.81 29.31 17.96
N HIS B 20 5.47 -0.12 16.61
CA HIS B 20 4.22 -0.71 16.05
C HIS B 20 4.05 -0.48 14.56
N MET B 21 2.80 -0.43 14.13
CA MET B 21 2.46 -0.71 12.74
C MET B 21 2.38 0.51 11.81
N ALA B 22 2.95 0.35 10.61
CA ALA B 22 2.74 1.30 9.53
C ALA B 22 1.26 1.33 9.15
N SER B 23 0.66 2.50 9.29
CA SER B 23 -0.76 2.71 9.10
C SER B 23 -1.14 3.01 7.64
N ASN B 24 -0.35 2.52 6.69
CA ASN B 24 -0.63 2.83 5.29
C ASN B 24 -0.53 1.68 4.27
N VAL B 25 -0.28 0.45 4.71
CA VAL B 25 -0.38 -0.69 3.80
C VAL B 25 -1.82 -0.83 3.30
N LYS B 26 -1.97 -1.25 2.05
CA LYS B 26 -3.28 -1.47 1.47
C LYS B 26 -3.32 -2.83 0.79
N LYS B 27 -3.72 -3.84 1.56
CA LYS B 27 -3.79 -5.21 1.04
C LYS B 27 -5.14 -5.38 0.37
N PHE B 28 -5.15 -6.04 -0.77
CA PHE B 28 -6.43 -6.32 -1.42
C PHE B 28 -6.97 -7.66 -0.94
N PRO B 29 -8.22 -7.94 -1.28
CA PRO B 29 -8.85 -9.23 -0.93
C PRO B 29 -8.08 -10.43 -1.48
N GLU B 30 -8.26 -11.58 -0.84
CA GLU B 30 -7.63 -12.81 -1.30
C GLU B 30 -8.17 -13.16 -2.69
N GLY B 31 -7.29 -13.62 -3.57
CA GLY B 31 -7.68 -13.96 -4.92
C GLY B 31 -7.96 -12.79 -5.85
N PHE B 32 -7.81 -11.55 -5.36
CA PHE B 32 -7.91 -10.38 -6.24
C PHE B 32 -7.02 -10.58 -7.47
N LEU B 33 -7.57 -10.31 -8.65
CA LEU B 33 -6.86 -10.54 -9.91
C LEU B 33 -6.01 -9.33 -10.33
N TRP B 34 -4.69 -9.51 -10.37
CA TRP B 34 -3.80 -8.48 -10.89
C TRP B 34 -3.42 -8.80 -12.32
N GLY B 35 -3.76 -7.90 -13.25
CA GLY B 35 -3.49 -8.18 -14.66
C GLY B 35 -2.76 -7.10 -15.43
N VAL B 36 -2.38 -7.46 -16.66
CA VAL B 36 -2.02 -6.50 -17.68
C VAL B 36 -2.91 -6.73 -18.92
N ALA B 37 -3.10 -5.70 -19.75
CA ALA B 37 -3.97 -5.80 -20.93
C ALA B 37 -3.30 -5.33 -22.22
N THR B 38 -3.67 -5.98 -23.32
CA THR B 38 -3.32 -5.53 -24.67
C THR B 38 -4.53 -5.68 -25.59
N ALA B 39 -4.34 -5.29 -26.85
CA ALA B 39 -5.36 -5.48 -27.88
C ALA B 39 -4.64 -5.97 -29.13
N SER B 40 -5.31 -6.84 -29.89
CA SER B 40 -4.70 -7.54 -31.00
C SER B 40 -4.06 -6.64 -32.04
N TYR B 41 -4.82 -5.64 -32.53
CA TYR B 41 -4.30 -4.79 -33.59
C TYR B 41 -3.17 -3.89 -33.08
N GLN B 42 -3.19 -3.62 -31.78
CA GLN B 42 -2.21 -2.71 -31.21
C GLN B 42 -0.81 -3.33 -31.06
N ILE B 43 -0.75 -4.66 -30.91
CA ILE B 43 0.52 -5.31 -30.59
C ILE B 43 1.01 -6.32 -31.60
N GLU B 44 0.10 -6.94 -32.36
CA GLU B 44 0.45 -8.15 -33.11
C GLU B 44 1.32 -7.99 -34.36
N GLY B 45 0.99 -6.98 -35.17
CA GLY B 45 1.56 -6.87 -36.51
C GLY B 45 1.11 -8.04 -37.37
N SER B 46 1.67 -8.18 -38.56
CA SER B 46 1.27 -9.27 -39.46
C SER B 46 -0.25 -9.40 -39.65
N PRO B 47 -0.91 -8.30 -39.97
CA PRO B 47 -2.38 -8.29 -40.04
C PRO B 47 -2.91 -9.23 -41.11
N LEU B 48 -2.14 -9.45 -42.18
CA LEU B 48 -2.60 -10.30 -43.27
C LEU B 48 -1.92 -11.66 -43.30
N ALA B 49 -1.19 -12.01 -42.24
CA ALA B 49 -0.51 -13.32 -42.20
C ALA B 49 -1.45 -14.51 -42.15
N ASP B 50 -1.04 -15.59 -42.80
CA ASP B 50 -1.70 -16.89 -42.64
C ASP B 50 -3.20 -16.83 -42.89
N GLY B 51 -3.58 -16.15 -43.97
CA GLY B 51 -4.95 -16.17 -44.46
C GLY B 51 -5.91 -15.24 -43.74
N ALA B 52 -5.38 -14.31 -42.95
CA ALA B 52 -6.23 -13.35 -42.23
C ALA B 52 -6.87 -12.37 -43.22
N GLY B 53 -8.13 -12.01 -42.99
CA GLY B 53 -8.75 -10.96 -43.80
C GLY B 53 -8.31 -9.59 -43.30
N MET B 54 -8.44 -8.56 -44.13
CA MET B 54 -8.15 -7.21 -43.65
C MET B 54 -9.18 -6.81 -42.60
N SER B 55 -8.77 -5.96 -41.69
CA SER B 55 -9.69 -5.32 -40.73
C SER B 55 -9.91 -3.87 -41.10
N ILE B 56 -10.88 -3.22 -40.47
CA ILE B 56 -11.10 -1.78 -40.75
C ILE B 56 -9.95 -0.91 -40.26
N TRP B 57 -9.15 -1.40 -39.32
CA TRP B 57 -7.98 -0.62 -38.86
C TRP B 57 -6.77 -0.70 -39.80
N HIS B 58 -6.60 -1.82 -40.49
CA HIS B 58 -5.64 -1.88 -41.59
C HIS B 58 -6.01 -0.84 -42.67
N THR B 59 -7.26 -0.84 -43.15
CA THR B 59 -7.58 0.03 -44.28
C THR B 59 -7.59 1.48 -43.85
N PHE B 60 -8.07 1.71 -42.63
CA PHE B 60 -8.11 3.06 -42.05
C PHE B 60 -6.70 3.62 -41.83
N SER B 61 -5.81 2.84 -41.25
CA SER B 61 -4.45 3.37 -41.03
C SER B 61 -3.63 3.45 -42.34
N HIS B 62 -4.00 2.66 -43.35
CA HIS B 62 -3.32 2.78 -44.64
C HIS B 62 -3.94 3.87 -45.52
N THR B 63 -4.89 4.61 -44.95
CA THR B 63 -5.45 5.77 -45.62
C THR B 63 -4.69 6.99 -45.14
N PRO B 64 -4.10 7.75 -46.07
CA PRO B 64 -3.29 8.90 -45.70
C PRO B 64 -4.07 9.92 -44.89
N GLY B 65 -3.48 10.38 -43.80
CA GLY B 65 -4.06 11.45 -43.03
C GLY B 65 -4.90 11.00 -41.87
N ASN B 66 -5.10 9.69 -41.72
CA ASN B 66 -5.90 9.19 -40.62
C ASN B 66 -5.10 8.98 -39.32
N VAL B 67 -3.83 8.61 -39.43
CA VAL B 67 -3.01 8.30 -38.25
C VAL B 67 -1.72 9.12 -38.20
N LYS B 68 -1.34 9.54 -37.00
CA LYS B 68 -0.13 10.34 -36.82
C LYS B 68 1.05 9.67 -37.53
N ASN B 69 1.79 10.48 -38.28
CA ASN B 69 3.04 10.03 -38.89
C ASN B 69 2.87 8.87 -39.86
N GLY B 70 1.63 8.65 -40.32
CA GLY B 70 1.32 7.51 -41.17
C GLY B 70 1.55 6.14 -40.53
N ASP B 71 1.58 6.05 -39.20
CA ASP B 71 1.78 4.72 -38.60
C ASP B 71 0.66 3.77 -38.93
N THR B 72 0.97 2.48 -38.91
CA THR B 72 -0.02 1.44 -39.09
C THR B 72 0.34 0.32 -38.16
N GLY B 73 -0.48 -0.72 -38.12
CA GLY B 73 -0.21 -1.90 -37.31
C GLY B 73 0.39 -3.02 -38.11
N ASP B 74 1.07 -2.68 -39.20
CA ASP B 74 1.69 -3.70 -40.03
C ASP B 74 2.69 -4.51 -39.21
N VAL B 75 3.48 -3.80 -38.41
CA VAL B 75 4.49 -4.44 -37.55
C VAL B 75 4.11 -4.37 -36.08
N ALA B 76 3.84 -3.18 -35.57
CA ALA B 76 3.52 -3.00 -34.15
C ALA B 76 4.65 -3.56 -33.28
N CYS B 77 4.33 -4.50 -32.38
CA CYS B 77 5.33 -5.06 -31.48
C CYS B 77 5.74 -6.44 -31.97
N ASP B 78 5.22 -6.81 -33.14
CA ASP B 78 5.48 -8.11 -33.74
C ASP B 78 5.19 -9.25 -32.77
N HIS B 79 4.12 -9.10 -31.98
CA HIS B 79 3.69 -10.11 -31.00
C HIS B 79 3.14 -11.34 -31.69
N TYR B 80 2.79 -11.19 -32.97
CA TYR B 80 2.37 -12.33 -33.75
C TYR B 80 3.51 -13.36 -33.80
N ASN B 81 4.76 -12.86 -33.77
CA ASN B 81 5.95 -13.73 -33.71
C ASN B 81 6.55 -13.88 -32.30
N ARG B 82 6.47 -12.84 -31.50
CA ARG B 82 7.18 -12.79 -30.24
C ARG B 82 6.28 -13.03 -29.02
N TRP B 83 5.13 -13.64 -29.26
CA TRP B 83 4.14 -13.84 -28.21
C TRP B 83 4.71 -14.60 -26.98
N LYS B 84 5.48 -15.66 -27.23
CA LYS B 84 6.01 -16.48 -26.12
C LYS B 84 6.88 -15.69 -25.18
N GLU B 85 7.80 -14.90 -25.74
CA GLU B 85 8.61 -14.02 -24.90
C GLU B 85 7.72 -13.09 -24.09
N ASP B 86 6.74 -12.50 -24.76
CA ASP B 86 5.84 -11.54 -24.09
C ASP B 86 5.15 -12.17 -22.89
N ILE B 87 4.68 -13.40 -23.06
CA ILE B 87 4.02 -14.10 -21.97
C ILE B 87 5.04 -14.46 -20.87
N GLU B 88 6.22 -14.89 -21.26
CA GLU B 88 7.30 -15.13 -20.30
C GLU B 88 7.61 -13.87 -19.51
N ILE B 89 7.45 -12.70 -20.12
CA ILE B 89 7.60 -11.45 -19.37
C ILE B 89 6.51 -11.33 -18.33
N ILE B 90 5.28 -11.69 -18.70
CA ILE B 90 4.18 -11.71 -17.74
C ILE B 90 4.47 -12.69 -16.60
N GLU B 91 4.93 -13.88 -16.94
CA GLU B 91 5.21 -14.91 -15.94
C GLU B 91 6.31 -14.43 -14.97
N LYS B 92 7.41 -13.96 -15.55
CA LYS B 92 8.53 -13.36 -14.82
C LYS B 92 8.11 -12.25 -13.84
N LEU B 93 7.21 -11.38 -14.27
CA LEU B 93 6.71 -10.32 -13.41
C LEU B 93 5.68 -10.85 -12.43
N GLY B 94 5.32 -12.12 -12.59
CA GLY B 94 4.34 -12.75 -11.71
C GLY B 94 2.92 -12.24 -11.82
N VAL B 95 2.60 -11.52 -12.91
CA VAL B 95 1.25 -11.01 -13.09
C VAL B 95 0.30 -12.21 -13.21
N LYS B 96 -0.89 -12.12 -12.63
CA LYS B 96 -1.76 -13.30 -12.55
C LYS B 96 -2.82 -13.41 -13.65
N ALA B 97 -3.04 -12.33 -14.39
CA ALA B 97 -4.10 -12.31 -15.41
C ALA B 97 -3.64 -11.57 -16.64
N TYR B 98 -3.99 -12.10 -17.80
CA TYR B 98 -3.70 -11.46 -19.06
C TYR B 98 -4.99 -11.16 -19.84
N ARG B 99 -5.28 -9.86 -20.01
CA ARG B 99 -6.41 -9.45 -20.82
C ARG B 99 -5.91 -9.18 -22.24
N PHE B 100 -6.45 -9.93 -23.20
CA PHE B 100 -6.05 -9.74 -24.59
C PHE B 100 -7.21 -9.95 -25.55
N SER B 101 -7.10 -9.43 -26.77
CA SER B 101 -8.23 -9.60 -27.68
C SER B 101 -7.91 -10.48 -28.87
N ILE B 102 -8.97 -10.96 -29.49
CA ILE B 102 -8.86 -11.79 -30.65
C ILE B 102 -9.28 -10.98 -31.88
N SER B 103 -8.45 -11.09 -32.92
CA SER B 103 -8.67 -10.39 -34.19
C SER B 103 -9.71 -11.18 -34.96
N TRP B 104 -10.92 -10.63 -35.06
CA TRP B 104 -12.03 -11.27 -35.78
C TRP B 104 -11.62 -11.77 -37.18
N PRO B 105 -11.00 -10.91 -37.98
CA PRO B 105 -10.57 -11.27 -39.33
C PRO B 105 -9.46 -12.32 -39.41
N ARG B 106 -8.81 -12.66 -38.28
CA ARG B 106 -7.87 -13.78 -38.28
C ARG B 106 -8.62 -15.10 -38.19
N ILE B 107 -9.83 -15.04 -37.64
CA ILE B 107 -10.64 -16.21 -37.37
C ILE B 107 -11.65 -16.43 -38.50
N LEU B 108 -12.33 -15.36 -38.88
CA LEU B 108 -13.18 -15.40 -40.05
C LEU B 108 -12.78 -14.28 -40.99
N PRO B 109 -11.93 -14.59 -41.97
CA PRO B 109 -11.41 -13.59 -42.90
C PRO B 109 -12.48 -12.74 -43.56
N GLU B 110 -13.63 -13.32 -43.85
CA GLU B 110 -14.74 -12.63 -44.51
C GLU B 110 -15.79 -12.19 -43.51
N GLY B 111 -15.50 -12.35 -42.22
CA GLY B 111 -16.43 -11.95 -41.18
C GLY B 111 -17.40 -13.02 -40.73
N THR B 112 -18.00 -13.72 -41.68
CA THR B 112 -18.88 -14.85 -41.42
C THR B 112 -18.37 -15.98 -42.30
N GLY B 113 -18.97 -17.16 -42.13
CA GLY B 113 -18.69 -18.29 -42.99
C GLY B 113 -17.44 -19.05 -42.58
N ARG B 114 -16.44 -19.00 -43.45
CA ARG B 114 -15.27 -19.86 -43.32
C ARG B 114 -14.32 -19.52 -42.18
N VAL B 115 -13.98 -20.53 -41.37
CA VAL B 115 -13.06 -20.34 -40.25
C VAL B 115 -11.62 -20.62 -40.69
N ASN B 116 -10.72 -19.74 -40.31
CA ASN B 116 -9.30 -19.86 -40.62
C ASN B 116 -8.60 -20.61 -39.46
N GLN B 117 -8.26 -21.88 -39.72
CA GLN B 117 -7.64 -22.76 -38.73
C GLN B 117 -6.33 -22.20 -38.15
N LYS B 118 -5.55 -21.54 -39.00
CA LYS B 118 -4.31 -20.92 -38.56
C LYS B 118 -4.53 -19.75 -37.59
N GLY B 119 -5.66 -19.04 -37.73
CA GLY B 119 -6.02 -18.01 -36.78
C GLY B 119 -6.35 -18.62 -35.44
N LEU B 120 -7.14 -19.69 -35.49
CA LEU B 120 -7.40 -20.48 -34.31
C LEU B 120 -6.09 -20.95 -33.64
N ASP B 121 -5.19 -21.49 -34.46
CA ASP B 121 -3.90 -21.98 -33.97
C ASP B 121 -3.18 -20.97 -33.14
N PHE B 122 -3.12 -19.74 -33.64
CA PHE B 122 -2.30 -18.72 -33.02
C PHE B 122 -2.80 -18.35 -31.63
N TYR B 123 -4.11 -18.24 -31.45
CA TYR B 123 -4.64 -17.95 -30.13
C TYR B 123 -4.62 -19.17 -29.20
N ASN B 124 -4.85 -20.37 -29.76
CA ASN B 124 -4.79 -21.61 -28.98
C ASN B 124 -3.44 -21.81 -28.29
N ARG B 125 -2.36 -21.53 -29.01
CA ARG B 125 -1.03 -21.55 -28.41
C ARG B 125 -0.89 -20.51 -27.30
N ILE B 126 -1.39 -19.31 -27.51
CA ILE B 126 -1.32 -18.28 -26.48
C ILE B 126 -2.05 -18.72 -25.23
N ILE B 127 -3.24 -19.27 -25.43
CA ILE B 127 -4.07 -19.71 -24.33
C ILE B 127 -3.40 -20.86 -23.57
N ASP B 128 -3.01 -21.90 -24.27
CA ASP B 128 -2.34 -23.04 -23.60
C ASP B 128 -1.09 -22.63 -22.82
N THR B 129 -0.34 -21.67 -23.35
CA THR B 129 0.85 -21.17 -22.68
C THR B 129 0.57 -20.38 -21.41
N LEU B 130 -0.51 -19.60 -21.41
CA LEU B 130 -0.90 -18.87 -20.21
C LEU B 130 -1.32 -19.84 -19.11
N LEU B 131 -2.21 -20.78 -19.46
CA LEU B 131 -2.72 -21.76 -18.51
C LEU B 131 -1.56 -22.57 -17.92
N GLU B 132 -0.64 -22.96 -18.80
CA GLU B 132 0.56 -23.67 -18.43
C GLU B 132 1.39 -22.89 -17.40
N LYS B 133 1.49 -21.59 -17.57
CA LYS B 133 2.21 -20.78 -16.59
C LYS B 133 1.38 -20.21 -15.46
N GLY B 134 0.15 -20.69 -15.30
CA GLY B 134 -0.72 -20.21 -14.23
C GLY B 134 -1.25 -18.77 -14.39
N ILE B 135 -1.30 -18.29 -15.63
CA ILE B 135 -1.88 -16.97 -15.90
C ILE B 135 -3.32 -17.11 -16.43
N THR B 136 -4.27 -16.41 -15.79
CA THR B 136 -5.68 -16.46 -16.18
C THR B 136 -5.98 -15.55 -17.38
N PRO B 137 -6.42 -16.15 -18.48
CA PRO B 137 -6.83 -15.42 -19.69
C PRO B 137 -8.17 -14.68 -19.58
N PHE B 138 -8.16 -13.36 -19.77
CA PHE B 138 -9.40 -12.60 -19.95
C PHE B 138 -9.48 -12.21 -21.43
N VAL B 139 -10.40 -12.80 -22.17
CA VAL B 139 -10.44 -12.61 -23.62
C VAL B 139 -11.48 -11.56 -24.03
N THR B 140 -11.01 -10.48 -24.65
CA THR B 140 -11.86 -9.49 -25.33
C THR B 140 -12.23 -9.98 -26.71
N ILE B 141 -13.52 -10.24 -26.94
CA ILE B 141 -13.96 -10.73 -28.24
C ILE B 141 -13.79 -9.65 -29.30
N TYR B 142 -14.19 -8.43 -28.98
CA TYR B 142 -14.12 -7.34 -29.96
C TYR B 142 -13.39 -6.13 -29.45
N HIS B 143 -12.22 -5.87 -30.02
CA HIS B 143 -11.48 -4.70 -29.60
C HIS B 143 -11.10 -3.88 -30.82
N TRP B 144 -12.11 -3.71 -31.69
CA TRP B 144 -12.17 -2.65 -32.71
C TRP B 144 -11.68 -3.03 -34.10
N ASP B 145 -11.07 -4.20 -34.25
CA ASP B 145 -10.61 -4.62 -35.60
C ASP B 145 -11.66 -5.42 -36.37
N LEU B 146 -12.78 -4.77 -36.65
CA LEU B 146 -13.83 -5.36 -37.50
C LEU B 146 -13.24 -5.81 -38.81
N PRO B 147 -13.66 -6.97 -39.31
CA PRO B 147 -13.26 -7.42 -40.64
C PRO B 147 -13.78 -6.41 -41.69
N PHE B 148 -12.90 -5.97 -42.59
CA PHE B 148 -13.25 -5.08 -43.67
C PHE B 148 -14.45 -5.61 -44.47
N ALA B 149 -14.54 -6.93 -44.65
CA ALA B 149 -15.67 -7.53 -45.38
C ALA B 149 -17.03 -7.15 -44.78
N LEU B 150 -17.08 -7.01 -43.46
CA LEU B 150 -18.33 -6.68 -42.80
C LEU B 150 -18.59 -5.18 -42.86
N GLN B 151 -17.53 -4.37 -42.94
CA GLN B 151 -17.67 -2.94 -43.12
C GLN B 151 -18.28 -2.60 -44.49
N LEU B 152 -17.95 -3.39 -45.50
CA LEU B 152 -18.50 -3.18 -46.83
C LEU B 152 -20.00 -3.39 -46.79
N LYS B 153 -20.46 -4.11 -45.78
CA LYS B 153 -21.89 -4.34 -45.57
C LYS B 153 -22.48 -3.39 -44.53
N GLY B 154 -21.74 -2.35 -44.17
CA GLY B 154 -22.24 -1.35 -43.23
C GLY B 154 -21.76 -1.49 -41.78
N GLY B 155 -21.15 -2.63 -41.46
CA GLY B 155 -20.53 -2.81 -40.17
C GLY B 155 -21.52 -2.62 -39.05
N TRP B 156 -21.16 -1.78 -38.09
CA TRP B 156 -21.98 -1.57 -36.89
C TRP B 156 -23.27 -0.86 -37.18
N ALA B 157 -23.36 -0.28 -38.38
CA ALA B 157 -24.56 0.43 -38.83
C ALA B 157 -25.66 -0.53 -39.25
N ASN B 158 -25.28 -1.78 -39.55
CA ASN B 158 -26.19 -2.79 -40.09
C ASN B 158 -26.72 -3.66 -38.97
N ARG B 159 -28.04 -3.73 -38.85
CA ARG B 159 -28.68 -4.57 -37.83
C ARG B 159 -28.22 -6.01 -37.89
N GLU B 160 -27.85 -6.47 -39.08
CA GLU B 160 -27.35 -7.84 -39.27
C GLU B 160 -26.09 -8.16 -38.47
N ILE B 161 -25.34 -7.16 -38.06
CA ILE B 161 -24.10 -7.42 -37.31
C ILE B 161 -24.41 -8.20 -36.02
N ALA B 162 -25.61 -8.08 -35.49
CA ALA B 162 -25.95 -8.86 -34.31
C ALA B 162 -25.86 -10.37 -34.61
N ASP B 163 -26.22 -10.80 -35.83
CA ASP B 163 -26.02 -12.19 -36.25
C ASP B 163 -24.58 -12.51 -36.55
N TRP B 164 -23.90 -11.61 -37.28
CA TRP B 164 -22.49 -11.80 -37.56
C TRP B 164 -21.71 -11.99 -36.25
N PHE B 165 -22.02 -11.17 -35.24
CA PHE B 165 -21.29 -11.15 -33.98
C PHE B 165 -21.57 -12.41 -33.17
N ALA B 166 -22.83 -12.86 -33.20
CA ALA B 166 -23.25 -14.11 -32.61
C ALA B 166 -22.44 -15.27 -33.19
N GLU B 167 -22.36 -15.34 -34.52
CA GLU B 167 -21.68 -16.44 -35.17
C GLU B 167 -20.19 -16.43 -34.84
N TYR B 168 -19.58 -15.25 -34.87
CA TYR B 168 -18.19 -15.09 -34.49
C TYR B 168 -17.97 -15.50 -33.01
N SER B 169 -18.81 -14.98 -32.12
CA SER B 169 -18.81 -15.35 -30.71
C SER B 169 -18.90 -16.86 -30.47
N ARG B 170 -19.78 -17.52 -31.20
CA ARG B 170 -19.91 -18.97 -31.10
C ARG B 170 -18.63 -19.72 -31.48
N VAL B 171 -17.98 -19.28 -32.56
CA VAL B 171 -16.75 -19.93 -32.97
C VAL B 171 -15.70 -19.86 -31.85
N LEU B 172 -15.56 -18.68 -31.24
CA LEU B 172 -14.60 -18.51 -30.14
C LEU B 172 -14.96 -19.37 -28.92
N PHE B 173 -16.24 -19.39 -28.56
CA PHE B 173 -16.69 -20.18 -27.41
C PHE B 173 -16.49 -21.67 -27.65
N GLU B 174 -16.86 -22.15 -28.85
CA GLU B 174 -16.73 -23.58 -29.13
C GLU B 174 -15.26 -24.01 -29.24
N ASN B 175 -14.42 -23.12 -29.72
CA ASN B 175 -13.00 -23.46 -29.86
C ASN B 175 -12.16 -23.23 -28.59
N PHE B 176 -12.50 -22.21 -27.81
CA PHE B 176 -11.66 -21.77 -26.70
C PHE B 176 -12.33 -21.87 -25.35
N GLY B 177 -13.65 -22.08 -25.33
CA GLY B 177 -14.41 -21.95 -24.10
C GLY B 177 -14.14 -23.04 -23.06
N ASP B 178 -13.51 -24.13 -23.51
CA ASP B 178 -13.06 -25.18 -22.62
C ASP B 178 -11.92 -24.73 -21.71
N ARG B 179 -11.14 -23.75 -22.16
CA ARG B 179 -10.00 -23.27 -21.38
C ARG B 179 -10.18 -21.83 -20.89
N VAL B 180 -10.81 -20.99 -21.71
CA VAL B 180 -11.01 -19.61 -21.30
C VAL B 180 -12.38 -19.50 -20.69
N LYS B 181 -12.44 -18.95 -19.48
CA LYS B 181 -13.69 -18.91 -18.73
C LYS B 181 -14.06 -17.49 -18.39
N ASN B 182 -13.23 -16.54 -18.79
CA ASN B 182 -13.49 -15.13 -18.55
C ASN B 182 -13.47 -14.36 -19.87
N TRP B 183 -14.64 -13.80 -20.23
CA TRP B 183 -14.88 -13.25 -21.56
C TRP B 183 -15.47 -11.84 -21.48
N ILE B 184 -15.13 -11.04 -22.49
CA ILE B 184 -15.66 -9.69 -22.65
C ILE B 184 -16.17 -9.57 -24.08
N THR B 185 -17.41 -9.15 -24.24
CA THR B 185 -17.95 -9.02 -25.60
C THR B 185 -17.28 -7.87 -26.31
N LEU B 186 -17.47 -6.67 -25.78
CA LEU B 186 -17.06 -5.46 -26.46
C LEU B 186 -16.14 -4.63 -25.58
N ASN B 187 -15.11 -4.05 -26.21
CA ASN B 187 -14.31 -2.99 -25.56
C ASN B 187 -14.76 -1.59 -25.95
N GLU B 188 -15.15 -0.78 -24.98
CA GLU B 188 -15.51 0.63 -25.18
C GLU B 188 -16.43 0.88 -26.40
N PRO B 189 -17.63 0.31 -26.38
CA PRO B 189 -18.59 0.52 -27.48
C PRO B 189 -18.91 2.00 -27.68
N TRP B 190 -18.79 2.86 -26.66
CA TRP B 190 -18.96 4.30 -26.88
C TRP B 190 -17.96 4.87 -27.92
N VAL B 191 -16.70 4.49 -27.75
CA VAL B 191 -15.65 4.87 -28.69
C VAL B 191 -15.92 4.27 -30.06
N VAL B 192 -16.21 2.97 -30.11
CA VAL B 192 -16.49 2.33 -31.39
C VAL B 192 -17.55 3.13 -32.18
N ALA B 193 -18.64 3.50 -31.50
CA ALA B 193 -19.77 4.13 -32.14
C ALA B 193 -19.47 5.58 -32.43
N ILE B 194 -19.15 6.31 -31.38
CA ILE B 194 -19.05 7.76 -31.45
C ILE B 194 -17.75 8.25 -32.08
N VAL B 195 -16.63 7.70 -31.66
CA VAL B 195 -15.36 8.12 -32.22
C VAL B 195 -15.18 7.53 -33.63
N GLY B 196 -15.69 6.32 -33.86
CA GLY B 196 -15.60 5.66 -35.16
C GLY B 196 -16.58 6.18 -36.22
N HIS B 197 -17.76 6.65 -35.79
CA HIS B 197 -18.83 6.97 -36.72
C HIS B 197 -19.42 8.39 -36.63
N LEU B 198 -19.13 9.12 -35.56
CA LEU B 198 -19.51 10.53 -35.43
C LEU B 198 -18.31 11.48 -35.60
N TYR B 199 -17.22 11.21 -34.90
CA TYR B 199 -16.04 12.07 -34.95
C TYR B 199 -15.15 11.73 -36.13
N GLY B 200 -15.24 10.50 -36.62
CA GLY B 200 -14.40 10.03 -37.71
C GLY B 200 -12.91 9.93 -37.39
N VAL B 201 -12.57 9.85 -36.11
CA VAL B 201 -11.17 9.82 -35.68
C VAL B 201 -10.62 8.39 -35.62
N HIS B 202 -11.53 7.43 -35.53
CA HIS B 202 -11.20 6.02 -35.48
C HIS B 202 -11.89 5.33 -36.66
N ALA B 203 -11.37 4.18 -37.10
CA ALA B 203 -12.08 3.37 -38.10
C ALA B 203 -13.53 3.07 -37.63
N PRO B 204 -14.50 3.11 -38.54
CA PRO B 204 -14.24 3.30 -39.97
C PRO B 204 -14.17 4.76 -40.46
N GLY B 205 -14.12 5.75 -39.59
CA GLY B 205 -13.81 7.12 -40.00
C GLY B 205 -14.97 7.88 -40.62
N MET B 206 -16.16 7.66 -40.09
CA MET B 206 -17.38 8.31 -40.54
C MET B 206 -17.79 9.46 -39.61
N ARG B 207 -18.54 10.41 -40.16
CA ARG B 207 -19.07 11.51 -39.37
C ARG B 207 -20.52 11.64 -39.72
N ASP B 208 -21.34 10.81 -39.08
CA ASP B 208 -22.77 10.84 -39.31
C ASP B 208 -23.49 10.45 -38.01
N ILE B 209 -24.23 11.38 -37.42
CA ILE B 209 -24.79 11.17 -36.08
C ILE B 209 -25.87 10.11 -36.05
N TYR B 210 -26.59 9.95 -37.15
CA TYR B 210 -27.61 8.93 -37.27
C TYR B 210 -27.00 7.53 -37.33
N VAL B 211 -25.93 7.39 -38.09
CA VAL B 211 -25.21 6.13 -38.12
C VAL B 211 -24.64 5.85 -36.71
N ALA B 212 -24.04 6.86 -36.08
CA ALA B 212 -23.38 6.68 -34.80
C ALA B 212 -24.33 6.07 -33.77
N PHE B 213 -25.55 6.60 -33.68
CA PHE B 213 -26.50 6.07 -32.68
C PHE B 213 -27.09 4.72 -33.08
N ARG B 214 -27.17 4.47 -34.36
CA ARG B 214 -27.50 3.12 -34.78
C ARG B 214 -26.39 2.13 -34.41
N ALA B 215 -25.13 2.57 -34.50
CA ALA B 215 -24.00 1.75 -34.01
C ALA B 215 -24.10 1.44 -32.51
N VAL B 216 -24.40 2.47 -31.71
CA VAL B 216 -24.62 2.28 -30.27
C VAL B 216 -25.65 1.15 -30.04
N HIS B 217 -26.80 1.26 -30.72
CA HIS B 217 -27.89 0.31 -30.58
C HIS B 217 -27.55 -1.10 -31.05
N ASN B 218 -26.91 -1.23 -32.21
CA ASN B 218 -26.48 -2.53 -32.69
C ASN B 218 -25.34 -3.15 -31.86
N LEU B 219 -24.49 -2.31 -31.28
CA LEU B 219 -23.46 -2.82 -30.36
C LEU B 219 -24.17 -3.56 -29.21
N LEU B 220 -25.18 -2.94 -28.62
CA LEU B 220 -25.94 -3.55 -27.52
C LEU B 220 -26.63 -4.85 -27.96
N ARG B 221 -27.23 -4.84 -29.14
CA ARG B 221 -27.95 -6.01 -29.62
C ARG B 221 -26.96 -7.15 -29.88
N ALA B 222 -25.80 -6.82 -30.45
CA ALA B 222 -24.81 -7.85 -30.75
C ALA B 222 -24.18 -8.40 -29.44
N HIS B 223 -23.90 -7.51 -28.50
CA HIS B 223 -23.46 -7.92 -27.17
C HIS B 223 -24.44 -8.93 -26.55
N ALA B 224 -25.71 -8.58 -26.51
CA ALA B 224 -26.70 -9.47 -25.92
C ALA B 224 -26.80 -10.81 -26.66
N ARG B 225 -26.73 -10.79 -27.99
CA ARG B 225 -26.79 -12.03 -28.75
C ARG B 225 -25.61 -12.94 -28.40
N ALA B 226 -24.43 -12.34 -28.21
CA ALA B 226 -23.22 -13.07 -27.83
C ALA B 226 -23.33 -13.68 -26.45
N VAL B 227 -23.92 -12.95 -25.50
CA VAL B 227 -24.13 -13.46 -24.15
C VAL B 227 -25.11 -14.65 -24.16
N LYS B 228 -26.20 -14.54 -24.91
CA LYS B 228 -27.12 -15.68 -25.07
C LYS B 228 -26.40 -16.92 -25.60
N VAL B 229 -25.62 -16.78 -26.67
CA VAL B 229 -24.83 -17.89 -27.22
C VAL B 229 -23.86 -18.45 -26.17
N PHE B 230 -23.29 -17.56 -25.37
CA PHE B 230 -22.37 -17.93 -24.31
C PHE B 230 -23.05 -18.88 -23.34
N ARG B 231 -24.29 -18.60 -22.94
CA ARG B 231 -24.98 -19.44 -21.97
C ARG B 231 -25.21 -20.84 -22.50
N GLU B 232 -25.30 -20.95 -23.82
CA GLU B 232 -25.49 -22.23 -24.50
C GLU B 232 -24.21 -23.04 -24.76
N THR B 233 -23.05 -22.40 -24.68
CA THR B 233 -21.82 -23.06 -25.14
C THR B 233 -20.74 -23.17 -24.09
N VAL B 234 -20.76 -22.29 -23.09
CA VAL B 234 -19.78 -22.31 -22.02
C VAL B 234 -20.48 -22.35 -20.67
N ASP B 236 -18.84 -23.34 -17.49
CA ASP B 236 -18.97 -22.53 -16.28
C ASP B 236 -18.17 -21.24 -16.49
N GLY B 237 -18.63 -20.43 -17.43
CA GLY B 237 -17.93 -19.21 -17.73
C GLY B 237 -18.54 -17.96 -17.12
N LYS B 238 -17.74 -16.89 -17.14
CA LYS B 238 -18.21 -15.55 -16.81
C LYS B 238 -18.06 -14.67 -18.05
N ILE B 239 -19.05 -13.81 -18.28
CA ILE B 239 -18.97 -12.88 -19.39
C ILE B 239 -19.42 -11.48 -18.99
N GLY B 240 -18.75 -10.48 -19.56
CA GLY B 240 -19.04 -9.11 -19.22
C GLY B 240 -18.80 -8.18 -20.39
N ILE B 241 -18.69 -6.89 -20.09
CA ILE B 241 -18.55 -5.90 -21.14
C ILE B 241 -17.81 -4.72 -20.55
N VAL B 242 -17.04 -4.03 -21.40
CA VAL B 242 -16.06 -3.05 -20.96
C VAL B 242 -16.43 -1.65 -21.46
N PHE B 243 -16.39 -0.67 -20.57
CA PHE B 243 -16.82 0.68 -20.87
C PHE B 243 -15.69 1.65 -20.56
N ASN B 244 -15.52 2.65 -21.41
CA ASN B 244 -14.64 3.76 -21.09
C ASN B 244 -15.39 4.71 -20.18
N ASN B 245 -14.67 5.39 -19.30
CA ASN B 245 -15.28 6.31 -18.36
C ASN B 245 -14.34 7.46 -18.07
N GLY B 246 -14.91 8.65 -17.94
CA GLY B 246 -14.17 9.81 -17.51
C GLY B 246 -14.82 10.36 -16.24
N TYR B 247 -14.02 11.01 -15.41
CA TYR B 247 -14.54 11.60 -14.19
C TYR B 247 -14.85 13.05 -14.51
N PHE B 248 -16.14 13.35 -14.65
CA PHE B 248 -16.59 14.67 -15.06
C PHE B 248 -17.00 15.56 -13.87
N GLU B 249 -16.47 16.79 -13.86
CA GLU B 249 -16.78 17.77 -12.80
C GLU B 249 -17.24 19.08 -13.40
N PRO B 250 -18.13 19.79 -12.71
CA PRO B 250 -18.67 21.05 -13.21
C PRO B 250 -17.66 22.18 -12.99
N ALA B 251 -17.57 23.07 -13.97
CA ALA B 251 -16.68 24.22 -13.89
C ALA B 251 -17.13 25.12 -12.75
N SER B 252 -18.42 25.38 -12.66
CA SER B 252 -18.95 26.13 -11.53
C SER B 252 -19.96 25.31 -10.73
N GLU B 253 -20.49 25.94 -9.69
CA GLU B 253 -21.59 25.36 -8.91
C GLU B 253 -22.92 25.72 -9.56
N LYS B 254 -22.85 26.42 -10.69
CA LYS B 254 -24.03 26.80 -11.45
C LYS B 254 -24.84 25.58 -11.89
N GLU B 255 -26.17 25.72 -11.80
CA GLU B 255 -27.11 24.65 -12.09
C GLU B 255 -26.82 23.93 -13.43
N GLU B 256 -26.63 24.71 -14.49
CA GLU B 256 -26.48 24.17 -15.84
C GLU B 256 -25.14 23.46 -16.04
N ASP B 257 -24.14 23.82 -15.24
CA ASP B 257 -22.84 23.17 -15.32
C ASP B 257 -22.92 21.79 -14.67
N ILE B 258 -23.65 21.70 -13.56
CA ILE B 258 -23.82 20.45 -12.84
C ILE B 258 -24.54 19.45 -13.73
N ARG B 259 -25.51 19.94 -14.50
CA ARG B 259 -26.29 19.13 -15.42
C ARG B 259 -25.49 18.72 -16.66
N ALA B 260 -24.63 19.61 -17.12
CA ALA B 260 -23.73 19.29 -18.21
C ALA B 260 -22.93 18.07 -17.80
N VAL B 261 -22.51 18.05 -16.54
CA VAL B 261 -21.81 16.92 -15.98
C VAL B 261 -22.69 15.66 -16.02
N ARG B 262 -23.97 15.81 -15.69
CA ARG B 262 -24.88 14.66 -15.69
C ARG B 262 -25.03 14.10 -17.10
N PHE B 263 -25.15 14.98 -18.09
CA PHE B 263 -25.26 14.53 -19.46
C PHE B 263 -24.01 13.78 -19.91
N MET B 264 -22.83 14.28 -19.54
CA MET B 264 -21.59 13.64 -19.96
C MET B 264 -21.43 12.27 -19.34
N HIS B 265 -21.87 12.12 -18.10
CA HIS B 265 -21.77 10.83 -17.42
C HIS B 265 -22.72 9.83 -18.08
N GLN B 266 -23.94 10.28 -18.36
CA GLN B 266 -24.95 9.42 -18.98
C GLN B 266 -24.58 9.00 -20.43
N PHE B 267 -23.90 9.87 -21.15
CA PHE B 267 -23.59 9.65 -22.56
C PHE B 267 -22.23 8.97 -22.77
N ASN B 268 -21.20 9.48 -22.08
CA ASN B 268 -19.81 9.05 -22.26
C ASN B 268 -19.44 7.85 -21.39
N ASN B 269 -20.11 7.70 -20.25
CA ASN B 269 -19.75 6.63 -19.31
C ASN B 269 -20.69 5.43 -19.42
N TYR B 270 -20.49 4.40 -18.59
CA TYR B 270 -21.29 3.16 -18.62
C TYR B 270 -22.84 3.24 -18.68
N PRO B 271 -23.49 4.30 -18.19
CA PRO B 271 -24.95 4.30 -18.21
C PRO B 271 -25.54 4.22 -19.63
N LEU B 272 -24.85 4.75 -20.64
CA LEU B 272 -25.37 4.70 -22.00
C LEU B 272 -25.71 3.25 -22.35
N PHE B 273 -24.93 2.31 -21.82
CA PHE B 273 -25.12 0.89 -22.11
C PHE B 273 -25.74 0.11 -20.98
N LEU B 274 -25.42 0.48 -19.75
CA LEU B 274 -25.93 -0.21 -18.57
C LEU B 274 -27.38 0.13 -18.26
N ASN B 275 -27.83 1.33 -18.59
CA ASN B 275 -29.26 1.63 -18.45
C ASN B 275 -30.13 0.70 -19.32
N PRO B 276 -29.79 0.56 -20.61
CA PRO B 276 -30.42 -0.49 -21.43
C PRO B 276 -30.30 -1.90 -20.82
N ILE B 277 -29.07 -2.36 -20.57
CA ILE B 277 -28.88 -3.74 -20.07
C ILE B 277 -29.64 -4.03 -18.75
N TYR B 278 -29.58 -3.10 -17.80
CA TYR B 278 -30.22 -3.29 -16.50
C TYR B 278 -31.67 -2.77 -16.40
N ARG B 279 -32.03 -1.73 -17.16
CA ARG B 279 -33.33 -1.06 -17.01
C ARG B 279 -34.20 -1.03 -18.27
N GLY B 280 -33.66 -1.42 -19.40
CA GLY B 280 -34.45 -1.57 -20.60
C GLY B 280 -34.72 -0.27 -21.34
N ASP B 281 -33.88 0.73 -21.14
CA ASP B 281 -33.93 1.95 -21.94
C ASP B 281 -32.65 2.75 -21.82
N TYR B 282 -32.44 3.66 -22.75
CA TYR B 282 -31.31 4.58 -22.66
C TYR B 282 -31.56 5.59 -21.55
N PRO B 283 -30.50 6.20 -21.03
CA PRO B 283 -30.61 7.19 -19.96
C PRO B 283 -31.38 8.41 -20.45
N GLU B 284 -32.09 9.05 -19.53
CA GLU B 284 -33.01 10.11 -19.90
C GLU B 284 -32.38 11.31 -20.59
N LEU B 285 -31.18 11.72 -20.19
CA LEU B 285 -30.58 12.89 -20.86
C LEU B 285 -30.04 12.53 -22.24
N VAL B 286 -29.63 11.28 -22.40
CA VAL B 286 -29.27 10.76 -23.72
C VAL B 286 -30.49 10.76 -24.64
N LEU B 287 -31.63 10.31 -24.13
CA LEU B 287 -32.85 10.29 -24.92
C LEU B 287 -33.26 11.70 -25.31
N GLU B 288 -33.07 12.66 -24.41
CA GLU B 288 -33.41 14.03 -24.72
C GLU B 288 -32.52 14.56 -25.83
N PHE B 289 -31.24 14.22 -25.77
CA PHE B 289 -30.30 14.60 -26.83
C PHE B 289 -30.55 13.86 -28.14
N ALA B 290 -30.68 12.54 -28.06
CA ALA B 290 -30.43 11.68 -29.23
C ALA B 290 -31.60 10.84 -29.74
N ARG B 291 -32.80 11.09 -29.22
CA ARG B 291 -33.94 10.27 -29.60
C ARG B 291 -34.18 10.29 -31.12
N GLU B 292 -34.01 11.43 -31.77
CA GLU B 292 -34.24 11.47 -33.20
C GLU B 292 -33.16 10.75 -34.04
N TYR B 293 -32.04 10.39 -33.42
CA TYR B 293 -30.98 9.66 -34.12
C TYR B 293 -31.05 8.17 -33.93
N LEU B 294 -31.82 7.73 -32.94
CA LEU B 294 -31.95 6.30 -32.70
C LEU B 294 -32.96 5.74 -33.66
N PRO B 295 -32.87 4.44 -33.93
CA PRO B 295 -33.83 3.80 -34.84
C PRO B 295 -35.26 3.94 -34.32
N GLU B 296 -36.20 4.13 -35.26
CA GLU B 296 -37.64 4.11 -35.00
C GLU B 296 -37.91 2.80 -34.29
N ASN B 297 -38.65 2.67 -33.21
CA ASN B 297 -38.84 1.32 -32.66
C ASN B 297 -37.63 0.67 -31.96
N TYR B 298 -36.61 1.47 -31.64
CA TYR B 298 -35.45 0.89 -30.95
C TYR B 298 -35.87 0.13 -29.68
N LYS B 299 -36.94 0.58 -29.02
CA LYS B 299 -37.33 -0.06 -27.76
C LYS B 299 -37.82 -1.50 -27.87
N ASP B 300 -38.24 -1.95 -29.06
CA ASP B 300 -38.59 -3.37 -29.26
C ASP B 300 -37.37 -4.26 -29.04
N ASP B 301 -36.16 -3.73 -29.17
CA ASP B 301 -34.99 -4.59 -28.95
C ASP B 301 -34.58 -4.67 -27.48
N MET B 302 -35.21 -3.87 -26.64
CA MET B 302 -34.69 -3.67 -25.28
C MET B 302 -34.83 -4.90 -24.38
N SER B 303 -35.85 -5.73 -24.59
CA SER B 303 -35.99 -6.91 -23.73
C SER B 303 -34.90 -7.93 -24.01
N GLU B 304 -34.51 -8.08 -25.28
CA GLU B 304 -33.40 -8.95 -25.65
C GLU B 304 -32.07 -8.40 -25.15
N ILE B 305 -31.95 -7.07 -25.14
CA ILE B 305 -30.72 -6.41 -24.71
C ILE B 305 -30.43 -6.63 -23.22
N GLN B 306 -31.47 -6.86 -22.44
CA GLN B 306 -31.34 -7.07 -20.99
C GLN B 306 -30.84 -8.44 -20.56
N GLU B 307 -30.34 -9.23 -21.51
CA GLU B 307 -29.66 -10.49 -21.20
C GLU B 307 -28.70 -10.30 -20.02
N LYS B 308 -28.73 -11.22 -19.06
CA LYS B 308 -27.98 -11.10 -17.81
C LYS B 308 -26.48 -11.21 -17.99
N ILE B 309 -25.72 -10.27 -17.43
CA ILE B 309 -24.26 -10.34 -17.48
C ILE B 309 -23.64 -10.66 -16.11
N ASP B 310 -22.37 -11.08 -16.13
CA ASP B 310 -21.69 -11.53 -14.92
C ASP B 310 -20.83 -10.45 -14.31
N PHE B 311 -20.33 -9.55 -15.15
CA PHE B 311 -19.53 -8.46 -14.64
C PHE B 311 -19.51 -7.29 -15.56
N VAL B 312 -19.14 -6.15 -14.98
CA VAL B 312 -18.88 -4.94 -15.74
C VAL B 312 -17.40 -4.62 -15.62
N GLY B 313 -16.77 -4.42 -16.78
CA GLY B 313 -15.42 -3.91 -16.84
C GLY B 313 -15.46 -2.39 -16.99
N LEU B 314 -14.67 -1.69 -16.16
CA LEU B 314 -14.50 -0.27 -16.29
C LEU B 314 -13.04 0.08 -16.65
N ASN B 315 -12.88 0.84 -17.72
CA ASN B 315 -11.60 1.45 -18.07
C ASN B 315 -11.65 2.87 -17.53
N TYR B 316 -10.52 3.34 -17.02
CA TYR B 316 -10.49 4.70 -16.52
C TYR B 316 -9.10 5.29 -16.66
N TYR B 317 -9.05 6.54 -17.12
CA TYR B 317 -7.78 7.20 -17.38
C TYR B 317 -7.73 8.61 -16.84
N SER B 318 -8.80 9.37 -16.98
CA SER B 318 -8.68 10.78 -16.69
C SER B 318 -9.96 11.49 -16.32
N GLY B 319 -9.81 12.74 -15.93
CA GLY B 319 -10.92 13.58 -15.50
C GLY B 319 -11.00 14.82 -16.35
N HIS B 320 -12.19 15.42 -16.40
CA HIS B 320 -12.44 16.59 -17.21
C HIS B 320 -13.35 17.53 -16.46
N LEU B 321 -12.95 18.79 -16.39
CA LEU B 321 -13.83 19.86 -15.98
C LEU B 321 -14.71 20.23 -17.18
N VAL B 322 -16.02 20.35 -16.98
CA VAL B 322 -16.93 20.70 -18.06
C VAL B 322 -17.93 21.74 -17.66
N LYS B 323 -18.52 22.39 -18.65
CA LYS B 323 -19.45 23.48 -18.42
C LYS B 323 -20.49 23.51 -19.52
N PHE B 324 -21.66 24.05 -19.17
CA PHE B 324 -22.73 24.26 -20.13
C PHE B 324 -22.30 25.28 -21.16
N ASP B 325 -22.76 25.12 -22.40
CA ASP B 325 -22.34 26.00 -23.49
C ASP B 325 -23.29 25.84 -24.67
N PRO B 326 -24.06 26.89 -24.94
CA PRO B 326 -25.18 26.83 -25.89
C PRO B 326 -24.72 26.83 -27.33
N ASP B 327 -23.43 27.01 -27.56
CA ASP B 327 -22.88 26.99 -28.91
C ASP B 327 -22.34 25.60 -29.27
N ALA B 328 -22.23 24.74 -28.26
CA ALA B 328 -21.79 23.37 -28.48
C ALA B 328 -23.01 22.47 -28.62
N ALA B 330 -23.21 19.49 -28.11
CA ALA B 330 -24.28 18.95 -27.27
C ALA B 330 -24.60 19.85 -26.07
N LYS B 331 -24.25 21.13 -26.18
CA LYS B 331 -24.40 22.11 -25.10
C LYS B 331 -23.41 21.87 -23.97
N VAL B 332 -22.24 21.32 -24.31
CA VAL B 332 -21.22 20.97 -23.34
C VAL B 332 -19.81 21.25 -23.83
N SER B 333 -19.01 21.94 -23.03
CA SER B 333 -17.58 22.15 -23.32
C SER B 333 -16.68 21.62 -22.22
N PHE B 334 -15.45 21.29 -22.61
CA PHE B 334 -14.40 20.98 -21.65
C PHE B 334 -13.60 22.26 -21.37
N VAL B 335 -13.27 22.49 -20.11
CA VAL B 335 -12.37 23.59 -19.79
C VAL B 335 -11.08 23.04 -19.20
N GLU B 336 -9.97 23.39 -19.84
CA GLU B 336 -8.66 22.93 -19.39
C GLU B 336 -8.37 23.43 -17.98
N ARG B 337 -7.74 22.56 -17.19
CA ARG B 337 -7.41 22.85 -15.80
C ARG B 337 -5.90 22.80 -15.66
N ASP B 338 -5.40 23.20 -14.49
CA ASP B 338 -3.98 23.05 -14.21
C ASP B 338 -3.63 21.58 -14.24
N LEU B 339 -3.46 20.97 -13.07
CA LEU B 339 -3.33 19.53 -12.96
C LEU B 339 -2.21 18.93 -13.80
N PRO B 340 -1.45 18.04 -13.19
CA PRO B 340 -0.48 17.23 -13.94
C PRO B 340 -1.20 16.50 -15.08
N LYS B 341 -0.52 16.36 -16.21
CA LYS B 341 -1.10 15.74 -17.41
C LYS B 341 -0.18 14.66 -17.91
N THR B 342 -0.71 13.70 -18.65
CA THR B 342 0.17 12.73 -19.32
C THR B 342 0.55 13.26 -20.69
N ALA B 343 1.32 12.47 -21.42
CA ALA B 343 1.70 12.77 -22.81
C ALA B 343 0.51 12.88 -23.76
N MET B 344 -0.66 12.40 -23.36
CA MET B 344 -1.86 12.59 -24.18
C MET B 344 -2.50 13.92 -23.84
N GLY B 345 -1.95 14.59 -22.82
CA GLY B 345 -2.56 15.79 -22.28
C GLY B 345 -3.78 15.47 -21.41
N TRP B 346 -3.88 14.22 -20.95
CA TRP B 346 -4.99 13.81 -20.11
C TRP B 346 -4.69 14.16 -18.65
N GLU B 347 -5.63 14.86 -18.01
CA GLU B 347 -5.46 15.23 -16.63
C GLU B 347 -5.55 14.06 -15.66
N ILE B 348 -4.57 14.02 -14.77
CA ILE B 348 -4.41 12.92 -13.83
C ILE B 348 -5.22 13.25 -12.60
N VAL B 349 -6.30 12.51 -12.39
CA VAL B 349 -7.23 12.73 -11.29
C VAL B 349 -7.58 11.36 -10.71
N PRO B 350 -6.71 10.83 -9.87
CA PRO B 350 -6.87 9.48 -9.32
C PRO B 350 -8.21 9.23 -8.63
N GLU B 351 -8.77 10.24 -7.99
CA GLU B 351 -10.06 10.08 -7.29
C GLU B 351 -11.22 9.74 -8.23
N GLY B 352 -11.03 9.94 -9.53
CA GLY B 352 -12.03 9.56 -10.51
C GLY B 352 -12.26 8.06 -10.55
N ILE B 353 -11.23 7.26 -10.29
CA ILE B 353 -11.40 5.81 -10.31
C ILE B 353 -12.19 5.28 -9.11
N TYR B 354 -12.10 5.98 -7.99
CA TYR B 354 -12.92 5.70 -6.82
C TYR B 354 -14.35 6.10 -7.14
N TRP B 355 -14.51 7.31 -7.67
CA TRP B 355 -15.82 7.87 -7.97
C TRP B 355 -16.62 6.97 -8.90
N ILE B 356 -15.99 6.53 -9.98
CA ILE B 356 -16.63 5.70 -10.99
C ILE B 356 -16.98 4.32 -10.42
N LEU B 357 -16.14 3.80 -9.52
CA LEU B 357 -16.42 2.53 -8.85
C LEU B 357 -17.64 2.64 -7.94
N LYS B 358 -17.66 3.66 -7.10
CA LYS B 358 -18.82 3.89 -6.22
C LYS B 358 -20.09 4.11 -7.02
N LYS B 359 -20.01 5.00 -8.01
CA LYS B 359 -21.14 5.35 -8.85
C LYS B 359 -21.77 4.16 -9.56
N VAL B 360 -20.96 3.23 -10.06
CA VAL B 360 -21.48 2.06 -10.77
C VAL B 360 -22.26 1.12 -9.83
N LYS B 361 -21.74 0.93 -8.61
CA LYS B 361 -22.49 0.16 -7.61
C LYS B 361 -23.80 0.87 -7.23
N GLU B 362 -23.72 2.16 -7.01
CA GLU B 362 -24.89 2.99 -6.73
C GLU B 362 -26.04 2.92 -7.75
N GLU B 363 -25.67 2.95 -9.03
CA GLU B 363 -26.67 3.07 -10.08
C GLU B 363 -27.17 1.71 -10.58
N TYR B 364 -26.28 0.74 -10.71
CA TYR B 364 -26.66 -0.53 -11.33
C TYR B 364 -26.30 -1.76 -10.49
N ASN B 365 -25.48 -1.57 -9.45
CA ASN B 365 -25.20 -2.65 -8.51
C ASN B 365 -24.84 -3.98 -9.17
N PRO B 366 -23.89 -3.97 -10.11
CA PRO B 366 -23.47 -5.20 -10.76
C PRO B 366 -22.83 -6.17 -9.73
N PRO B 367 -22.94 -7.47 -9.94
CA PRO B 367 -22.40 -8.45 -8.98
C PRO B 367 -20.86 -8.43 -8.87
N GLU B 368 -20.17 -8.23 -9.98
CA GLU B 368 -18.72 -8.10 -10.00
C GLU B 368 -18.34 -6.92 -10.88
N VAL B 369 -17.28 -6.21 -10.48
CA VAL B 369 -16.67 -5.15 -11.26
C VAL B 369 -15.18 -5.46 -11.41
N TYR B 370 -14.61 -5.12 -12.56
CA TYR B 370 -13.17 -5.19 -12.82
C TYR B 370 -12.76 -3.88 -13.42
N ILE B 371 -11.64 -3.33 -12.97
CA ILE B 371 -10.96 -2.27 -13.72
C ILE B 371 -10.19 -3.00 -14.81
N THR B 372 -10.68 -2.88 -16.05
CA THR B 372 -10.10 -3.61 -17.16
C THR B 372 -8.96 -2.87 -17.86
N GLU B 373 -8.85 -1.58 -17.61
CA GLU B 373 -7.70 -0.81 -18.08
C GLU B 373 -7.49 0.38 -17.19
N ASN B 374 -6.23 0.69 -16.93
CA ASN B 374 -5.86 1.90 -16.21
C ASN B 374 -4.38 2.09 -16.44
N GLY B 375 -3.97 3.29 -16.80
CA GLY B 375 -2.58 3.50 -17.20
C GLY B 375 -2.29 4.92 -17.63
N ALA B 376 -1.06 5.16 -18.08
CA ALA B 376 -0.69 6.49 -18.52
C ALA B 376 0.40 6.46 -19.59
N ALA B 377 0.37 7.43 -20.48
CA ALA B 377 1.45 7.59 -21.45
C ALA B 377 2.40 8.69 -20.99
N PHE B 378 3.69 8.40 -21.02
CA PHE B 378 4.70 9.40 -20.74
C PHE B 378 5.82 9.21 -21.75
N ASP B 379 6.60 10.25 -21.97
CA ASP B 379 7.71 10.13 -22.91
C ASP B 379 8.92 9.43 -22.28
N ASP B 380 8.84 8.11 -22.19
CA ASP B 380 9.89 7.30 -21.60
C ASP B 380 11.14 7.33 -22.45
N VAL B 381 12.28 7.27 -21.78
CA VAL B 381 13.55 7.11 -22.46
C VAL B 381 14.39 6.09 -21.72
N VAL B 382 15.13 5.29 -22.48
CA VAL B 382 16.12 4.37 -21.93
C VAL B 382 17.34 5.18 -21.50
N SER B 383 17.63 5.20 -20.19
CA SER B 383 18.80 5.90 -19.67
C SER B 383 20.07 5.17 -20.06
N GLU B 384 21.21 5.81 -19.82
CA GLU B 384 22.50 5.21 -20.10
C GLU B 384 22.62 3.89 -19.34
N ASP B 385 22.06 3.86 -18.14
CA ASP B 385 22.06 2.62 -17.34
C ASP B 385 21.20 1.52 -17.94
N GLY B 386 20.49 1.82 -19.03
CA GLY B 386 19.70 0.83 -19.73
C GLY B 386 18.34 0.55 -19.09
N ARG B 387 17.94 1.41 -18.15
CA ARG B 387 16.65 1.27 -17.51
C ARG B 387 15.74 2.39 -17.98
N VAL B 388 14.45 2.20 -17.77
CA VAL B 388 13.51 3.28 -18.03
C VAL B 388 12.98 3.69 -16.67
N HIS B 389 13.40 4.86 -16.22
CA HIS B 389 13.04 5.33 -14.88
C HIS B 389 11.77 6.16 -14.95
N ASP B 390 10.65 5.45 -15.12
CA ASP B 390 9.35 6.06 -15.28
C ASP B 390 8.62 6.21 -13.95
N GLN B 391 9.23 6.99 -13.07
CA GLN B 391 8.64 7.30 -11.76
C GLN B 391 7.26 7.92 -11.90
N ASN B 392 7.05 8.69 -12.99
CA ASN B 392 5.75 9.33 -13.24
C ASN B 392 4.64 8.31 -13.45
N ARG B 393 4.97 7.19 -14.11
CA ARG B 393 4.02 6.09 -14.27
C ARG B 393 3.75 5.37 -12.95
N ILE B 394 4.83 5.05 -12.23
CA ILE B 394 4.69 4.45 -10.91
C ILE B 394 3.75 5.29 -10.07
N ASP B 395 3.94 6.60 -10.08
CA ASP B 395 3.13 7.49 -9.26
C ASP B 395 1.66 7.44 -9.67
N TYR B 396 1.43 7.52 -10.98
CA TYR B 396 0.08 7.44 -11.54
C TYR B 396 -0.57 6.13 -11.10
N LEU B 397 0.10 5.02 -11.36
CA LEU B 397 -0.49 3.73 -11.03
C LEU B 397 -0.80 3.60 -9.55
N LYS B 398 0.17 4.01 -8.73
CA LYS B 398 0.10 3.91 -7.27
C LYS B 398 -1.12 4.65 -6.73
N ALA B 399 -1.29 5.90 -7.16
CA ALA B 399 -2.43 6.69 -6.72
C ALA B 399 -3.78 6.11 -7.17
N HIS B 400 -3.82 5.46 -8.33
CA HIS B 400 -5.10 4.94 -8.81
C HIS B 400 -5.47 3.65 -8.09
N ILE B 401 -4.49 2.77 -7.93
CA ILE B 401 -4.67 1.51 -7.20
C ILE B 401 -5.08 1.73 -5.74
N GLY B 402 -4.66 2.86 -5.18
CA GLY B 402 -5.04 3.24 -3.82
C GLY B 402 -6.49 3.64 -3.77
N GLN B 403 -6.92 4.43 -4.76
CA GLN B 403 -8.31 4.86 -4.90
C GLN B 403 -9.25 3.68 -5.11
N ALA B 404 -8.82 2.69 -5.89
CA ALA B 404 -9.58 1.47 -6.08
C ALA B 404 -9.68 0.66 -4.80
N TRP B 405 -8.57 0.60 -4.06
CA TRP B 405 -8.56 -0.05 -2.75
C TRP B 405 -9.66 0.53 -1.87
N LYS B 406 -9.78 1.86 -1.90
CA LYS B 406 -10.74 2.58 -1.09
C LYS B 406 -12.18 2.23 -1.47
N ALA B 407 -12.41 2.05 -2.76
CA ALA B 407 -13.75 1.67 -3.22
C ALA B 407 -14.11 0.28 -2.70
N ILE B 408 -13.14 -0.62 -2.70
CA ILE B 408 -13.31 -1.94 -2.12
C ILE B 408 -13.66 -1.85 -0.62
N GLN B 409 -12.93 -1.01 0.12
CA GLN B 409 -13.19 -0.82 1.54
C GLN B 409 -14.64 -0.42 1.76
N GLU B 410 -15.19 0.33 0.80
CA GLU B 410 -16.54 0.86 0.94
C GLU B 410 -17.61 0.01 0.26
N GLY B 411 -17.31 -1.25 0.00
CA GLY B 411 -18.32 -2.19 -0.47
C GLY B 411 -18.43 -2.47 -1.97
N VAL B 412 -17.60 -1.85 -2.79
CA VAL B 412 -17.65 -2.11 -4.23
C VAL B 412 -17.00 -3.44 -4.54
N PRO B 413 -17.74 -4.33 -5.20
CA PRO B 413 -17.29 -5.69 -5.51
C PRO B 413 -16.22 -5.80 -6.61
N LEU B 414 -15.13 -5.05 -6.47
CA LEU B 414 -14.00 -5.12 -7.40
C LEU B 414 -13.19 -6.40 -7.24
N LYS B 415 -13.17 -7.22 -8.29
CA LYS B 415 -12.42 -8.48 -8.29
C LYS B 415 -11.06 -8.42 -8.98
N GLY B 416 -10.76 -7.33 -9.67
CA GLY B 416 -9.53 -7.33 -10.44
C GLY B 416 -9.14 -5.97 -10.98
N TYR B 417 -7.91 -5.90 -11.46
CA TYR B 417 -7.35 -4.65 -11.93
C TYR B 417 -6.27 -4.95 -12.96
N PHE B 418 -6.40 -4.33 -14.14
CA PHE B 418 -5.47 -4.58 -15.25
C PHE B 418 -4.85 -3.29 -15.69
N VAL B 419 -3.52 -3.28 -15.75
CA VAL B 419 -2.75 -2.16 -16.25
C VAL B 419 -2.83 -2.19 -17.77
N TRP B 420 -3.12 -1.02 -18.35
CA TRP B 420 -2.90 -0.82 -19.76
C TRP B 420 -1.61 -0.01 -19.86
N SER B 421 -0.56 -0.54 -20.49
CA SER B 421 -0.55 -1.85 -21.12
C SER B 421 0.71 -2.65 -20.71
N LEU B 422 0.73 -3.95 -20.98
CA LEU B 422 1.96 -4.73 -20.89
C LEU B 422 3.07 -4.08 -21.71
N LEU B 423 2.76 -3.69 -22.95
CA LEU B 423 3.76 -3.22 -23.89
C LEU B 423 3.45 -1.84 -24.40
N ASP B 424 4.48 -1.06 -24.72
CA ASP B 424 4.29 0.11 -25.58
C ASP B 424 3.71 -0.45 -26.87
N ASN B 425 2.88 0.31 -27.56
CA ASN B 425 2.20 -0.27 -28.70
C ASN B 425 1.54 0.76 -29.62
N PHE B 426 0.76 0.31 -30.60
CA PHE B 426 0.18 1.22 -31.60
C PHE B 426 -1.02 1.90 -30.93
N GLU B 427 -0.89 3.18 -30.60
CA GLU B 427 -1.96 3.87 -29.87
C GLU B 427 -2.97 4.53 -30.82
N TRP B 428 -3.59 3.70 -31.67
CA TRP B 428 -4.67 4.11 -32.58
C TRP B 428 -4.29 5.30 -33.44
N ALA B 429 -5.08 6.37 -33.41
CA ALA B 429 -4.80 7.52 -34.28
C ALA B 429 -3.53 8.26 -33.85
N GLU B 430 -3.01 7.94 -32.67
CA GLU B 430 -1.74 8.51 -32.19
C GLU B 430 -0.53 7.76 -32.74
N GLY B 431 -0.75 6.56 -33.25
CA GLY B 431 0.34 5.72 -33.70
C GLY B 431 1.26 5.33 -32.56
N TYR B 432 2.54 5.16 -32.86
CA TYR B 432 3.51 4.68 -31.86
C TYR B 432 4.06 5.76 -30.95
N SER B 433 3.61 6.99 -31.17
CA SER B 433 4.11 8.16 -30.47
C SER B 433 3.72 8.22 -29.00
N LYS B 434 2.84 7.33 -28.58
CA LYS B 434 2.37 7.36 -27.21
C LYS B 434 2.64 6.02 -26.56
N ARG B 435 3.47 6.03 -25.52
CA ARG B 435 3.90 4.79 -24.87
C ARG B 435 3.17 4.61 -23.56
N PHE B 436 2.39 3.52 -23.44
CA PHE B 436 1.58 3.26 -22.25
C PHE B 436 2.14 2.07 -21.49
N GLY B 437 3.15 1.42 -22.06
CA GLY B 437 3.59 0.13 -21.54
C GLY B 437 4.24 0.18 -20.16
N ILE B 438 4.22 -0.93 -19.44
CA ILE B 438 5.10 -1.10 -18.28
C ILE B 438 6.35 -1.82 -18.77
N VAL B 439 6.29 -2.30 -20.01
CA VAL B 439 7.44 -2.82 -20.75
C VAL B 439 7.71 -1.86 -21.93
N TYR B 440 8.95 -1.38 -22.02
CA TYR B 440 9.38 -0.52 -23.11
C TYR B 440 9.65 -1.33 -24.36
N VAL B 441 9.30 -0.77 -25.51
CA VAL B 441 9.54 -1.48 -26.76
C VAL B 441 10.37 -0.63 -27.69
N ASP B 442 11.57 -1.12 -28.03
CA ASP B 442 12.43 -0.47 -28.99
C ASP B 442 12.01 -1.00 -30.34
N TYR B 443 11.26 -0.19 -31.09
CA TYR B 443 10.69 -0.63 -32.35
C TYR B 443 11.73 -0.96 -33.41
N SER B 444 12.87 -0.28 -33.40
CA SER B 444 13.92 -0.57 -34.36
C SER B 444 14.48 -2.01 -34.22
N THR B 445 14.48 -2.53 -33.00
CA THR B 445 14.96 -3.91 -32.78
C THR B 445 13.91 -4.89 -32.28
N GLN B 446 12.78 -4.37 -31.79
CA GLN B 446 11.77 -5.17 -31.12
C GLN B 446 12.26 -5.68 -29.76
N LYS B 447 13.25 -5.01 -29.18
CA LYS B 447 13.73 -5.32 -27.83
C LYS B 447 12.71 -4.87 -26.76
N ARG B 448 12.45 -5.74 -25.78
CA ARG B 448 11.67 -5.42 -24.60
C ARG B 448 12.58 -4.96 -23.46
N ILE B 449 12.23 -3.85 -22.82
CA ILE B 449 12.92 -3.42 -21.62
C ILE B 449 11.92 -3.13 -20.51
N VAL B 450 11.80 -4.04 -19.55
CA VAL B 450 10.91 -3.83 -18.41
C VAL B 450 11.21 -2.49 -17.77
N LYS B 451 10.18 -1.69 -17.52
CA LYS B 451 10.40 -0.36 -16.94
C LYS B 451 10.39 -0.46 -15.42
N ASP B 452 10.71 0.64 -14.75
CA ASP B 452 10.63 0.67 -13.30
C ASP B 452 9.21 0.34 -12.86
N SER B 453 8.23 0.92 -13.57
CA SER B 453 6.81 0.67 -13.27
C SER B 453 6.50 -0.81 -13.30
N GLY B 454 7.14 -1.53 -14.22
CA GLY B 454 6.93 -2.94 -14.37
C GLY B 454 7.49 -3.76 -13.21
N TYR B 455 8.66 -3.37 -12.71
CA TYR B 455 9.22 -4.03 -11.52
C TYR B 455 8.39 -3.66 -10.29
N TRP B 456 7.95 -2.41 -10.24
CA TRP B 456 7.12 -1.92 -9.16
C TRP B 456 5.77 -2.63 -9.09
N TYR B 457 5.17 -2.83 -10.27
CA TYR B 457 3.85 -3.44 -10.35
C TYR B 457 3.96 -4.89 -9.92
N SER B 458 5.06 -5.49 -10.32
CA SER B 458 5.43 -6.86 -9.96
C SER B 458 5.46 -7.08 -8.44
N ASN B 459 5.99 -6.08 -7.73
CA ASN B 459 5.97 -6.05 -6.28
C ASN B 459 4.56 -5.98 -5.74
N VAL B 460 3.79 -5.04 -6.30
CA VAL B 460 2.38 -4.88 -5.97
C VAL B 460 1.64 -6.20 -6.02
N VAL B 461 1.87 -6.99 -7.07
CA VAL B 461 1.14 -8.25 -7.28
C VAL B 461 1.53 -9.27 -6.22
N LYS B 462 2.83 -9.50 -6.11
CA LYS B 462 3.39 -10.45 -5.16
C LYS B 462 2.91 -10.14 -3.75
N ASN B 463 2.88 -8.86 -3.40
CA ASN B 463 2.38 -8.39 -2.09
C ASN B 463 0.86 -8.35 -2.01
N ASN B 464 0.20 -8.63 -3.12
CA ASN B 464 -1.23 -8.40 -3.25
C ASN B 464 -1.73 -7.03 -2.75
N GLY B 465 -0.98 -5.97 -3.04
CA GLY B 465 -1.38 -4.64 -2.61
C GLY B 465 -0.27 -3.62 -2.53
N LEU B 466 -0.59 -2.48 -1.93
CA LEU B 466 0.30 -1.33 -1.87
C LEU B 466 1.10 -1.33 -0.55
N GLU B 467 2.27 -0.70 -0.60
CA GLU B 467 3.15 -0.48 0.55
C GLU B 467 3.22 -1.67 1.51
#